data_7HIF
#
_entry.id   7HIF
#
_cell.length_a   87.243
_cell.length_b   87.243
_cell.length_c   85.533
_cell.angle_alpha   90.00
_cell.angle_beta   90.00
_cell.angle_gamma   120.00
#
_symmetry.space_group_name_H-M   'P 31'
#
loop_
_entity.id
_entity.type
_entity.pdbx_description
1 polymer 'Non-structural protein 3'
2 non-polymer 'DIMETHYL SULFOXIDE'
3 non-polymer 2-AMINO-2-HYDROXYMETHYL-PROPANE-1,3-DIOL
4 non-polymer 'CHLORIDE ION'
5 non-polymer ~{N}-(2-azanyl-2-oxidanylidene-ethyl)-4-methoxy-benzamide
6 non-polymer 5-(1,3-thiazol-2-yl)-1H-1,2,4-triazole
7 water water
#
_entity_poly.entity_id   1
_entity_poly.type   'polypeptide(L)'
_entity_poly.pdbx_seq_one_letter_code
;GAMAPSYRVKRMDIAKNDEECVVNAANPRGLPGDGVCKAVYKKWPESFKNSATPVGTAKTVMCGTYPVIHAVGPNFSNYT
ESEGDRELAAAYREVAKEVTRLGVNSVAIPLLSTGVYSGGKDRLTQSLNHLFTAMDSTDADVVIYCRDKEWEKKISEAIQ
MRT
;
_entity_poly.pdbx_strand_id   A,B,C,D
#
loop_
_chem_comp.id
_chem_comp.type
_chem_comp.name
_chem_comp.formula
CL non-polymer 'CHLORIDE ION' 'Cl -1'
DMS non-polymer 'DIMETHYL SULFOXIDE' 'C2 H6 O S'
K34 non-polymer 5-(1,3-thiazol-2-yl)-1H-1,2,4-triazole 'C5 H4 N4 S'
ONQ non-polymer ~{N}-(2-azanyl-2-oxidanylidene-ethyl)-4-methoxy-benzamide 'C10 H12 N2 O3'
TRS non-polymer 2-AMINO-2-HYDROXYMETHYL-PROPANE-1,3-DIOL 'C4 H12 N O3 1'
#
# COMPACT_ATOMS: atom_id res chain seq x y z
N GLY A 1 8.97 -2.67 22.83
CA GLY A 1 9.75 -3.93 22.61
C GLY A 1 8.85 -5.14 22.49
N ALA A 2 9.40 -6.28 22.08
CA ALA A 2 8.73 -7.60 22.09
C ALA A 2 8.60 -8.07 23.54
N MET A 3 7.56 -8.83 23.89
CA MET A 3 7.31 -9.29 25.30
C MET A 3 8.43 -10.24 25.77
N ALA A 4 8.96 -11.07 24.87
CA ALA A 4 10.06 -12.01 25.17
C ALA A 4 10.97 -12.00 23.95
N PRO A 5 11.82 -10.97 23.78
CA PRO A 5 12.64 -10.82 22.57
C PRO A 5 13.33 -12.13 22.16
N SER A 6 13.25 -12.48 20.88
CA SER A 6 13.70 -13.79 20.32
C SER A 6 14.49 -13.58 19.02
N TYR A 7 15.26 -14.60 18.64
CA TYR A 7 15.83 -14.78 17.30
C TYR A 7 15.16 -15.98 16.65
N ARG A 8 14.92 -15.85 15.37
CA ARG A 8 14.33 -16.90 14.49
C ARG A 8 15.02 -16.82 13.14
N VAL A 9 15.01 -17.94 12.40
CA VAL A 9 15.58 -17.96 11.03
C VAL A 9 14.53 -18.57 10.12
N LYS A 10 14.38 -18.01 8.92
CA LYS A 10 13.49 -18.55 7.86
C LYS A 10 14.27 -18.61 6.54
N ARG A 11 14.01 -19.64 5.74
CA ARG A 11 14.57 -19.78 4.38
C ARG A 11 13.49 -19.38 3.37
N MET A 12 13.53 -18.13 2.93
CA MET A 12 12.52 -17.54 2.01
C MET A 12 12.99 -16.13 1.64
N ASP A 13 12.25 -15.52 0.73
CA ASP A 13 12.49 -14.16 0.20
C ASP A 13 12.16 -13.15 1.29
N ILE A 14 13.15 -12.35 1.70
CA ILE A 14 12.98 -11.27 2.72
C ILE A 14 11.92 -10.27 2.26
N ALA A 15 11.64 -10.13 0.94
CA ALA A 15 10.59 -9.26 0.38
C ALA A 15 9.19 -9.68 0.85
N LYS A 16 9.04 -10.92 1.36
CA LYS A 16 7.77 -11.50 1.84
C LYS A 16 7.77 -11.59 3.38
N ASN A 17 8.60 -10.79 4.07
CA ASN A 17 8.69 -10.85 5.57
C ASN A 17 7.39 -10.48 6.26
N ASP A 18 7.22 -10.94 7.50
CA ASP A 18 6.11 -10.62 8.40
C ASP A 18 6.57 -9.77 9.58
N GLU A 19 7.56 -8.90 9.39
CA GLU A 19 8.12 -8.06 10.46
C GLU A 19 7.77 -6.58 10.22
N GLU A 20 8.03 -5.70 11.20
CA GLU A 20 7.60 -4.29 11.18
C GLU A 20 8.57 -3.43 10.34
N CYS A 21 9.72 -3.99 9.95
CA CYS A 21 10.71 -3.27 9.09
C CYS A 21 11.69 -4.29 8.55
N VAL A 22 12.45 -3.87 7.56
CA VAL A 22 13.35 -4.73 6.80
C VAL A 22 14.72 -4.10 6.73
N VAL A 23 15.75 -4.92 6.82
CA VAL A 23 17.14 -4.49 6.54
C VAL A 23 17.52 -4.93 5.13
N ASN A 24 17.91 -3.97 4.30
CA ASN A 24 18.42 -4.28 2.94
C ASN A 24 19.92 -4.50 2.97
N ALA A 25 20.42 -5.49 2.25
CA ALA A 25 21.88 -5.70 2.05
C ALA A 25 22.27 -4.80 0.87
N ALA A 26 22.42 -3.51 1.16
CA ALA A 26 22.50 -2.41 0.17
C ALA A 26 23.93 -2.29 -0.39
N ASN A 27 24.05 -1.61 -1.53
CA ASN A 27 25.34 -1.10 -2.04
C ASN A 27 25.46 0.36 -1.59
N PRO A 28 26.68 0.93 -1.59
CA PRO A 28 26.86 2.29 -1.10
C PRO A 28 26.18 3.38 -1.95
N ARG A 29 25.76 3.02 -3.17
CA ARG A 29 25.32 4.02 -4.18
C ARG A 29 23.79 4.08 -4.28
N GLY A 30 23.07 3.25 -3.52
CA GLY A 30 21.59 3.22 -3.58
C GLY A 30 21.10 2.71 -4.92
N LEU A 31 21.87 1.83 -5.58
CA LEU A 31 21.50 1.19 -6.87
C LEU A 31 20.66 -0.06 -6.62
N PRO A 32 19.80 -0.47 -7.58
CA PRO A 32 19.02 -1.71 -7.44
C PRO A 32 19.82 -2.98 -7.16
N GLY A 33 21.01 -3.08 -7.74
CA GLY A 33 21.95 -4.18 -7.45
C GLY A 33 21.39 -5.52 -7.90
N ASP A 34 21.74 -6.59 -7.18
CA ASP A 34 21.33 -7.99 -7.49
C ASP A 34 20.99 -8.70 -6.17
N GLY A 35 20.41 -9.90 -6.26
CA GLY A 35 20.13 -10.74 -5.08
C GLY A 35 19.14 -10.06 -4.15
N VAL A 36 19.40 -10.05 -2.84
CA VAL A 36 18.52 -9.43 -1.81
C VAL A 36 18.24 -7.97 -2.17
N CYS A 37 19.28 -7.21 -2.52
CA CYS A 37 19.12 -5.77 -2.88
C CYS A 37 18.08 -5.59 -3.99
N LYS A 38 18.12 -6.43 -5.03
CA LYS A 38 17.18 -6.32 -6.17
C LYS A 38 15.77 -6.71 -5.71
N ALA A 39 15.64 -7.73 -4.85
CA ALA A 39 14.31 -8.14 -4.31
C ALA A 39 13.67 -6.99 -3.53
N VAL A 40 14.49 -6.30 -2.74
CA VAL A 40 14.07 -5.12 -1.92
C VAL A 40 13.68 -3.99 -2.88
N TYR A 41 14.48 -3.78 -3.95
CA TYR A 41 14.16 -2.73 -4.94
C TYR A 41 12.81 -2.97 -5.62
N LYS A 42 12.49 -4.23 -5.95
CA LYS A 42 11.21 -4.60 -6.62
C LYS A 42 10.02 -4.35 -5.68
N LYS A 43 10.18 -4.68 -4.39
CA LYS A 43 9.07 -4.63 -3.40
C LYS A 43 8.90 -3.20 -2.84
N TRP A 44 9.99 -2.47 -2.63
CA TRP A 44 9.96 -1.13 -1.98
C TRP A 44 10.83 -0.13 -2.76
N PRO A 45 10.59 0.09 -4.08
CA PRO A 45 11.44 0.99 -4.86
C PRO A 45 11.50 2.44 -4.34
N GLU A 46 10.39 2.94 -3.76
CA GLU A 46 10.30 4.30 -3.22
C GLU A 46 11.38 4.48 -2.13
N SER A 47 11.82 3.40 -1.47
CA SER A 47 12.79 3.49 -0.36
C SER A 47 14.19 3.71 -0.89
N PHE A 48 14.40 3.74 -2.20
CA PHE A 48 15.75 4.01 -2.73
C PHE A 48 15.91 5.49 -3.08
N LYS A 49 15.03 6.36 -2.64
CA LYS A 49 15.23 7.84 -2.74
C LYS A 49 16.30 8.31 -1.75
N ASN A 50 17.47 8.73 -2.24
CA ASN A 50 18.59 9.21 -1.40
C ASN A 50 18.95 8.16 -0.34
N SER A 51 19.07 6.89 -0.75
CA SER A 51 19.47 5.77 0.14
C SER A 51 21.00 5.56 0.12
N ALA A 52 21.73 6.21 -0.80
CA ALA A 52 23.22 6.08 -0.85
C ALA A 52 23.80 6.47 0.52
N THR A 53 24.77 5.69 0.99
CA THR A 53 25.40 5.82 2.33
C THR A 53 26.71 5.03 2.31
N PRO A 54 27.74 5.42 3.07
CA PRO A 54 29.02 4.73 3.01
C PRO A 54 28.99 3.29 3.54
N VAL A 55 30.07 2.59 3.25
CA VAL A 55 30.33 1.25 3.84
C VAL A 55 30.37 1.39 5.36
N GLY A 56 29.86 0.39 6.08
CA GLY A 56 29.90 0.43 7.56
C GLY A 56 28.76 1.24 8.18
N THR A 57 27.81 1.74 7.38
CA THR A 57 26.68 2.58 7.86
C THR A 57 25.33 2.02 7.46
N ALA A 58 24.28 2.56 8.08
CA ALA A 58 22.88 2.20 7.76
C ALA A 58 22.08 3.47 7.61
N LYS A 59 21.25 3.50 6.59
CA LYS A 59 20.39 4.69 6.32
C LYS A 59 18.98 4.22 6.13
N THR A 60 18.03 4.74 6.92
CA THR A 60 16.61 4.33 6.82
C THR A 60 15.86 5.27 5.88
N VAL A 61 15.09 4.72 4.95
CA VAL A 61 14.16 5.47 4.08
C VAL A 61 12.80 4.75 4.17
N MET A 62 11.74 5.52 4.39
N MET A 62 11.74 5.53 4.39
CA MET A 62 10.36 4.97 4.54
CA MET A 62 10.37 5.00 4.46
C MET A 62 9.76 4.68 3.15
C MET A 62 9.90 4.59 3.06
N CYS A 63 9.14 3.51 2.99
CA CYS A 63 8.28 3.20 1.82
C CYS A 63 6.85 3.28 2.31
N GLY A 64 6.15 4.40 2.09
CA GLY A 64 4.93 4.65 2.87
C GLY A 64 5.24 4.88 4.33
N THR A 65 4.77 4.04 5.26
CA THR A 65 5.16 4.04 6.68
C THR A 65 6.07 2.84 6.99
N TYR A 66 6.46 2.03 6.02
CA TYR A 66 7.24 0.78 6.25
C TYR A 66 8.72 1.11 6.16
N PRO A 67 9.51 0.99 7.24
CA PRO A 67 10.92 1.42 7.20
C PRO A 67 11.81 0.39 6.48
N VAL A 68 12.62 0.86 5.54
CA VAL A 68 13.71 0.05 4.94
C VAL A 68 15.02 0.60 5.45
N ILE A 69 15.79 -0.24 6.16
CA ILE A 69 17.09 0.17 6.73
C ILE A 69 18.13 -0.35 5.75
N HIS A 70 18.74 0.54 4.98
CA HIS A 70 19.77 0.21 3.97
C HIS A 70 21.11 0.07 4.68
N ALA A 71 21.56 -1.16 4.92
CA ALA A 71 22.82 -1.45 5.66
C ALA A 71 23.91 -1.85 4.66
N VAL A 72 25.01 -1.11 4.65
CA VAL A 72 26.11 -1.37 3.67
C VAL A 72 27.30 -2.11 4.30
N GLY A 73 27.32 -3.41 4.08
CA GLY A 73 28.44 -4.31 4.41
C GLY A 73 29.57 -4.13 3.41
N PRO A 74 30.81 -4.38 3.83
CA PRO A 74 31.98 -4.29 2.95
C PRO A 74 31.93 -5.41 1.90
N ASN A 75 32.51 -5.13 0.72
CA ASN A 75 32.76 -6.17 -0.31
C ASN A 75 34.18 -6.71 -0.10
N PHE A 76 34.29 -7.93 0.41
CA PHE A 76 35.56 -8.57 0.84
C PHE A 76 36.53 -8.73 -0.37
N SER A 77 36.07 -8.55 -1.60
CA SER A 77 36.97 -8.47 -2.79
C SER A 77 37.88 -7.24 -2.72
N ASN A 78 37.44 -6.17 -2.06
CA ASN A 78 38.15 -4.88 -2.02
C ASN A 78 38.81 -4.65 -0.69
N TYR A 79 38.22 -5.14 0.42
CA TYR A 79 38.74 -4.87 1.77
C TYR A 79 39.76 -5.97 2.16
N THR A 80 40.73 -5.64 3.01
CA THR A 80 41.57 -6.63 3.73
C THR A 80 40.63 -7.42 4.67
N GLU A 81 40.98 -8.65 5.08
CA GLU A 81 40.14 -9.39 6.06
C GLU A 81 39.95 -8.53 7.32
N SER A 82 41.02 -7.90 7.79
CA SER A 82 41.08 -7.02 8.98
C SER A 82 40.08 -5.86 8.86
N GLU A 83 40.16 -5.11 7.75
CA GLU A 83 39.38 -3.87 7.57
C GLU A 83 37.92 -4.23 7.26
N GLY A 84 37.71 -5.26 6.46
CA GLY A 84 36.39 -5.83 6.16
C GLY A 84 35.68 -6.23 7.43
N ASP A 85 36.38 -6.97 8.27
CA ASP A 85 35.81 -7.44 9.55
C ASP A 85 35.32 -6.21 10.31
N ARG A 86 36.12 -5.13 10.40
CA ARG A 86 35.79 -3.93 11.20
C ARG A 86 34.52 -3.27 10.62
N GLU A 87 34.45 -3.16 9.30
CA GLU A 87 33.28 -2.51 8.62
C GLU A 87 32.03 -3.36 8.77
N LEU A 88 32.14 -4.70 8.72
CA LEU A 88 30.96 -5.57 8.84
C LEU A 88 30.38 -5.45 10.26
N ALA A 89 31.21 -5.46 11.28
CA ALA A 89 30.77 -5.19 12.68
C ALA A 89 30.09 -3.84 12.77
N ALA A 90 30.66 -2.81 12.15
CA ALA A 90 30.13 -1.45 12.24
C ALA A 90 28.73 -1.38 11.59
N ALA A 91 28.56 -1.97 10.40
CA ALA A 91 27.25 -1.88 9.69
C ALA A 91 26.13 -2.42 10.62
N TYR A 92 26.39 -3.55 11.27
CA TYR A 92 25.41 -4.17 12.20
C TYR A 92 25.15 -3.26 13.41
N ARG A 93 26.18 -2.65 14.00
CA ARG A 93 25.98 -1.67 15.11
C ARG A 93 25.04 -0.55 14.64
N GLU A 94 25.19 -0.05 13.41
CA GLU A 94 24.31 1.03 12.88
C GLU A 94 22.89 0.50 12.67
N VAL A 95 22.72 -0.77 12.26
CA VAL A 95 21.37 -1.38 12.15
C VAL A 95 20.70 -1.36 13.53
N ALA A 96 21.42 -1.78 14.58
CA ALA A 96 20.83 -1.83 15.95
C ALA A 96 20.37 -0.43 16.41
N LYS A 97 21.16 0.61 16.16
CA LYS A 97 20.75 2.02 16.47
C LYS A 97 19.47 2.41 15.72
N GLU A 98 19.32 2.05 14.44
CA GLU A 98 18.13 2.41 13.67
C GLU A 98 16.92 1.63 14.17
N VAL A 99 17.05 0.30 14.38
CA VAL A 99 15.94 -0.51 14.87
C VAL A 99 15.44 0.14 16.18
N THR A 100 16.38 0.48 17.06
CA THR A 100 16.00 1.11 18.35
C THR A 100 15.29 2.43 18.11
N ARG A 101 15.85 3.30 17.29
CA ARG A 101 15.32 4.64 17.00
C ARG A 101 13.88 4.53 16.49
N LEU A 102 13.60 3.59 15.60
CA LEU A 102 12.29 3.42 14.95
C LEU A 102 11.24 2.93 15.96
N GLY A 103 11.63 2.30 17.06
CA GLY A 103 10.69 1.76 18.08
C GLY A 103 9.89 0.60 17.56
N VAL A 104 10.40 -0.15 16.57
CA VAL A 104 9.71 -1.37 16.05
C VAL A 104 9.81 -2.52 17.07
N ASN A 105 8.84 -3.40 17.03
CA ASN A 105 8.85 -4.64 17.84
C ASN A 105 9.48 -5.84 17.13
N SER A 106 9.76 -5.72 15.84
CA SER A 106 10.32 -6.83 15.01
C SER A 106 11.09 -6.26 13.80
N VAL A 107 12.08 -6.99 13.32
CA VAL A 107 12.92 -6.61 12.15
C VAL A 107 13.31 -7.88 11.39
N ALA A 108 13.24 -7.82 10.06
CA ALA A 108 13.71 -8.84 9.11
C ALA A 108 15.13 -8.46 8.67
N ILE A 109 16.06 -9.39 8.75
N ILE A 109 16.11 -9.35 8.86
CA ILE A 109 17.50 -9.07 8.49
CA ILE A 109 17.55 -9.06 8.56
C ILE A 109 18.15 -10.20 7.70
C ILE A 109 18.15 -10.20 7.73
N PRO A 110 18.91 -9.86 6.64
CA PRO A 110 19.78 -10.81 5.96
C PRO A 110 21.19 -10.81 6.53
N LEU A 111 21.99 -11.85 6.23
CA LEU A 111 23.40 -11.89 6.69
C LEU A 111 24.24 -11.05 5.71
N LEU A 112 24.71 -9.91 6.20
CA LEU A 112 25.49 -8.91 5.43
C LEU A 112 26.85 -9.52 5.02
N SER A 113 27.44 -8.99 3.96
CA SER A 113 28.82 -9.33 3.48
C SER A 113 28.92 -10.83 3.12
N THR A 114 27.82 -11.43 2.67
CA THR A 114 27.77 -12.81 2.11
C THR A 114 27.67 -12.72 0.58
N GLY A 115 27.69 -13.85 -0.11
CA GLY A 115 27.56 -13.91 -1.59
C GLY A 115 28.61 -13.05 -2.26
N VAL A 116 28.18 -12.03 -3.02
CA VAL A 116 29.10 -11.28 -3.92
C VAL A 116 30.05 -10.40 -3.11
N TYR A 117 29.70 -10.08 -1.86
CA TYR A 117 30.49 -9.24 -0.93
C TYR A 117 31.39 -10.13 -0.07
N SER A 118 31.35 -11.45 -0.25
CA SER A 118 32.07 -12.45 0.58
C SER A 118 33.57 -12.53 0.22
N GLY A 119 33.97 -12.05 -0.96
CA GLY A 119 35.32 -12.27 -1.49
C GLY A 119 35.65 -13.75 -1.62
N GLY A 120 34.68 -14.57 -2.02
CA GLY A 120 34.86 -15.98 -2.39
C GLY A 120 34.94 -16.90 -1.18
N LYS A 121 34.24 -16.55 -0.08
CA LYS A 121 34.42 -17.29 1.23
C LYS A 121 33.10 -17.43 1.99
N ASP A 122 32.93 -18.56 2.70
CA ASP A 122 31.78 -18.83 3.61
C ASP A 122 31.98 -17.92 4.83
N ARG A 123 31.06 -16.99 5.02
CA ARG A 123 31.16 -16.02 6.14
C ARG A 123 29.89 -16.10 7.01
N LEU A 124 29.18 -17.24 7.03
CA LEU A 124 27.96 -17.43 7.86
C LEU A 124 28.34 -17.10 9.30
N THR A 125 29.36 -17.74 9.85
CA THR A 125 29.69 -17.60 11.28
C THR A 125 30.15 -16.17 11.59
N GLN A 126 31.02 -15.62 10.75
CA GLN A 126 31.53 -14.24 10.96
C GLN A 126 30.35 -13.25 10.96
N SER A 127 29.48 -13.36 9.97
CA SER A 127 28.39 -12.35 9.76
C SER A 127 27.34 -12.50 10.86
N LEU A 128 26.96 -13.74 11.19
CA LEU A 128 25.97 -14.08 12.25
C LEU A 128 26.49 -13.59 13.60
N ASN A 129 27.78 -13.78 13.94
CA ASN A 129 28.31 -13.35 15.25
C ASN A 129 28.31 -11.82 15.34
N HIS A 130 28.61 -11.09 14.24
CA HIS A 130 28.53 -9.62 14.32
C HIS A 130 27.06 -9.16 14.48
N LEU A 131 26.13 -9.89 13.87
CA LEU A 131 24.68 -9.60 13.98
C LEU A 131 24.29 -9.74 15.46
N PHE A 132 24.63 -10.86 16.09
CA PHE A 132 24.32 -11.09 17.52
C PHE A 132 24.95 -10.00 18.39
N THR A 133 26.22 -9.65 18.16
CA THR A 133 26.94 -8.66 19.01
C THR A 133 26.14 -7.34 19.03
N ALA A 134 25.64 -6.95 17.86
CA ALA A 134 24.89 -5.69 17.68
C ALA A 134 23.47 -5.80 18.26
N MET A 135 22.74 -6.88 17.96
CA MET A 135 21.29 -6.94 18.20
C MET A 135 20.97 -7.48 19.61
N ASP A 136 21.94 -8.04 20.32
CA ASP A 136 21.66 -8.70 21.63
C ASP A 136 21.11 -7.69 22.63
N SER A 137 21.51 -6.44 22.54
CA SER A 137 21.10 -5.37 23.48
C SER A 137 19.79 -4.71 23.01
N THR A 138 19.23 -5.09 21.85
CA THR A 138 17.90 -4.58 21.41
C THR A 138 16.80 -5.51 21.90
N ASP A 139 15.57 -5.00 22.05
CA ASP A 139 14.41 -5.85 22.48
C ASP A 139 13.44 -6.11 21.31
N ALA A 140 13.85 -5.90 20.07
CA ALA A 140 13.02 -6.33 18.91
C ALA A 140 13.16 -7.85 18.64
N ASP A 141 12.07 -8.48 18.22
CA ASP A 141 12.11 -9.85 17.64
C ASP A 141 12.93 -9.77 16.35
N VAL A 142 13.97 -10.58 16.22
CA VAL A 142 14.86 -10.57 15.02
C VAL A 142 14.57 -11.82 14.21
N VAL A 143 14.20 -11.65 12.95
CA VAL A 143 13.96 -12.81 12.03
C VAL A 143 14.99 -12.72 10.93
N ILE A 144 15.89 -13.70 10.90
CA ILE A 144 17.03 -13.74 9.94
C ILE A 144 16.54 -14.49 8.71
N TYR A 145 16.74 -13.92 7.52
CA TYR A 145 16.29 -14.55 6.25
C TYR A 145 17.52 -15.06 5.52
N CYS A 146 17.46 -16.29 5.01
CA CYS A 146 18.62 -16.94 4.35
C CYS A 146 18.18 -17.59 3.03
N ARG A 147 19.15 -18.00 2.20
CA ARG A 147 18.85 -18.54 0.84
C ARG A 147 19.72 -19.77 0.57
N ASP A 148 19.92 -20.63 1.59
CA ASP A 148 20.70 -21.88 1.49
C ASP A 148 20.20 -22.86 2.56
N LYS A 149 19.77 -24.06 2.16
CA LYS A 149 19.14 -25.10 3.04
C LYS A 149 20.09 -25.46 4.18
N GLU A 150 21.38 -25.60 3.89
CA GLU A 150 22.42 -25.90 4.90
C GLU A 150 22.58 -24.70 5.83
N TRP A 151 22.59 -23.48 5.27
CA TRP A 151 22.72 -22.23 6.06
C TRP A 151 21.59 -22.17 7.08
N GLU A 152 20.35 -22.51 6.69
CA GLU A 152 19.17 -22.49 7.58
C GLU A 152 19.46 -23.34 8.82
N LYS A 153 19.97 -24.56 8.60
CA LYS A 153 20.29 -25.54 9.68
C LYS A 153 21.34 -24.94 10.62
N LYS A 154 22.45 -24.44 10.06
CA LYS A 154 23.60 -23.90 10.83
C LYS A 154 23.14 -22.67 11.63
N ILE A 155 22.37 -21.78 11.01
CA ILE A 155 21.87 -20.55 11.71
C ILE A 155 20.93 -20.97 12.86
N SER A 156 20.03 -21.92 12.59
CA SER A 156 19.07 -22.44 13.59
C SER A 156 19.83 -23.03 14.78
N GLU A 157 20.89 -23.80 14.52
CA GLU A 157 21.72 -24.45 15.58
C GLU A 157 22.41 -23.39 16.45
N ALA A 158 22.98 -22.36 15.80
CA ALA A 158 23.70 -21.26 16.48
C ALA A 158 22.68 -20.52 17.35
N ILE A 159 21.45 -20.30 16.89
CA ILE A 159 20.44 -19.62 17.74
C ILE A 159 20.15 -20.53 18.98
N GLN A 160 19.88 -21.81 18.78
CA GLN A 160 19.48 -22.74 19.87
C GLN A 160 20.63 -22.90 20.89
N MET A 161 21.87 -22.95 20.41
CA MET A 161 23.12 -23.16 21.20
C MET A 161 23.15 -22.17 22.35
N ARG A 162 22.77 -20.91 22.10
CA ARG A 162 22.82 -19.81 23.11
C ARG A 162 21.63 -19.85 24.10
N THR A 163 20.51 -20.55 23.81
CA THR A 163 19.28 -20.49 24.64
C THR A 163 19.24 -21.63 25.67
N GLY B 1 -16.06 -24.83 18.11
CA GLY B 1 -16.99 -24.77 16.95
C GLY B 1 -17.61 -23.40 16.78
N ALA B 2 -18.16 -23.11 15.60
CA ALA B 2 -18.95 -21.89 15.33
C ALA B 2 -20.28 -22.02 16.08
N MET B 3 -20.87 -20.91 16.53
CA MET B 3 -22.10 -20.95 17.36
C MET B 3 -23.26 -21.52 16.52
N ALA B 4 -23.29 -21.23 15.23
CA ALA B 4 -24.28 -21.77 14.26
C ALA B 4 -23.55 -22.15 12.97
N PRO B 5 -22.87 -23.32 12.93
CA PRO B 5 -22.04 -23.69 11.79
C PRO B 5 -22.74 -23.46 10.45
N SER B 6 -22.06 -22.76 9.54
CA SER B 6 -22.61 -22.32 8.23
C SER B 6 -21.62 -22.63 7.09
N TYR B 7 -22.13 -22.60 5.87
CA TYR B 7 -21.34 -22.50 4.62
C TYR B 7 -21.64 -21.12 3.99
N ARG B 8 -20.58 -20.48 3.49
N ARG B 8 -20.58 -20.49 3.48
CA ARG B 8 -20.63 -19.21 2.72
CA ARG B 8 -20.65 -19.23 2.70
C ARG B 8 -19.76 -19.39 1.47
C ARG B 8 -19.75 -19.38 1.48
N VAL B 9 -19.99 -18.57 0.44
CA VAL B 9 -19.09 -18.55 -0.75
C VAL B 9 -18.60 -17.11 -0.93
N LYS B 10 -17.31 -16.95 -1.22
CA LYS B 10 -16.66 -15.68 -1.60
C LYS B 10 -15.98 -15.86 -2.96
N ARG B 11 -16.18 -14.91 -3.87
CA ARG B 11 -15.44 -14.86 -5.17
C ARG B 11 -14.28 -13.88 -5.05
N MET B 12 -13.10 -14.38 -4.66
CA MET B 12 -11.87 -13.58 -4.42
C MET B 12 -10.69 -14.52 -4.16
N ASP B 13 -9.49 -13.95 -4.06
CA ASP B 13 -8.20 -14.63 -3.79
C ASP B 13 -8.19 -15.18 -2.35
N ILE B 14 -8.09 -16.51 -2.22
CA ILE B 14 -8.14 -17.22 -0.91
C ILE B 14 -6.98 -16.76 0.00
N ALA B 15 -5.85 -16.30 -0.55
CA ALA B 15 -4.70 -15.79 0.25
C ALA B 15 -5.11 -14.57 1.11
N LYS B 16 -6.22 -13.92 0.77
CA LYS B 16 -6.76 -12.73 1.48
C LYS B 16 -7.90 -13.14 2.43
N ASN B 17 -8.01 -14.42 2.79
CA ASN B 17 -9.14 -14.94 3.62
C ASN B 17 -9.09 -14.35 5.03
N ASP B 18 -10.27 -14.23 5.66
CA ASP B 18 -10.44 -13.78 7.07
C ASP B 18 -10.82 -14.96 7.98
N GLU B 19 -10.42 -16.19 7.63
CA GLU B 19 -10.68 -17.39 8.47
C GLU B 19 -9.49 -17.79 9.30
N GLU B 20 -9.70 -18.71 10.22
CA GLU B 20 -8.68 -19.14 11.20
C GLU B 20 -7.64 -20.05 10.54
N CYS B 21 -7.93 -20.58 9.34
CA CYS B 21 -6.95 -21.43 8.62
C CYS B 21 -7.34 -21.47 7.13
N VAL B 22 -6.40 -21.94 6.30
CA VAL B 22 -6.58 -22.01 4.82
C VAL B 22 -6.25 -23.43 4.35
N VAL B 23 -7.03 -23.88 3.37
CA VAL B 23 -6.75 -25.12 2.59
C VAL B 23 -6.10 -24.71 1.26
N ASN B 24 -4.88 -25.18 1.04
CA ASN B 24 -4.17 -25.02 -0.25
C ASN B 24 -4.59 -26.18 -1.18
N ALA B 25 -4.84 -25.86 -2.45
CA ALA B 25 -5.03 -26.87 -3.51
C ALA B 25 -3.62 -27.27 -3.94
N ALA B 26 -2.99 -28.13 -3.16
CA ALA B 26 -1.55 -28.45 -3.28
C ALA B 26 -1.23 -29.44 -4.42
N ASN B 27 0.06 -29.49 -4.78
CA ASN B 27 0.61 -30.64 -5.55
C ASN B 27 1.32 -31.56 -4.58
N PRO B 28 1.62 -32.82 -4.99
CA PRO B 28 2.19 -33.79 -4.08
C PRO B 28 3.63 -33.48 -3.62
N ARG B 29 4.30 -32.57 -4.33
CA ARG B 29 5.75 -32.36 -4.14
C ARG B 29 6.01 -31.10 -3.35
N GLY B 30 4.98 -30.35 -2.98
CA GLY B 30 5.20 -29.10 -2.21
C GLY B 30 5.86 -28.01 -3.05
N LEU B 31 5.56 -27.98 -4.36
CA LEU B 31 6.09 -26.96 -5.30
C LEU B 31 5.10 -25.82 -5.40
N PRO B 32 5.50 -24.61 -5.88
CA PRO B 32 4.56 -23.51 -6.05
C PRO B 32 3.33 -23.65 -6.98
N GLY B 33 3.42 -24.40 -8.05
CA GLY B 33 2.20 -24.79 -8.81
C GLY B 33 1.53 -23.62 -9.51
N ASP B 34 0.22 -23.71 -9.77
CA ASP B 34 -0.61 -22.69 -10.46
C ASP B 34 -1.89 -22.47 -9.68
N GLY B 35 -2.70 -21.49 -10.13
CA GLY B 35 -4.00 -21.14 -9.52
C GLY B 35 -3.87 -20.83 -8.04
N VAL B 36 -4.71 -21.46 -7.20
CA VAL B 36 -4.76 -21.23 -5.73
C VAL B 36 -3.37 -21.46 -5.14
N CYS B 37 -2.70 -22.54 -5.57
CA CYS B 37 -1.39 -22.95 -5.02
C CYS B 37 -0.37 -21.81 -5.19
N LYS B 38 -0.35 -21.19 -6.37
CA LYS B 38 0.59 -20.04 -6.65
C LYS B 38 0.26 -18.86 -5.73
N ALA B 39 -1.03 -18.57 -5.57
CA ALA B 39 -1.55 -17.52 -4.67
C ALA B 39 -1.13 -17.82 -3.24
N VAL B 40 -1.24 -19.08 -2.80
CA VAL B 40 -0.87 -19.50 -1.41
C VAL B 40 0.64 -19.40 -1.25
N TYR B 41 1.41 -19.79 -2.27
CA TYR B 41 2.88 -19.71 -2.21
C TYR B 41 3.32 -18.23 -2.04
N LYS B 42 2.59 -17.31 -2.64
CA LYS B 42 2.95 -15.86 -2.57
C LYS B 42 2.94 -15.34 -1.10
N LYS B 43 2.07 -15.82 -0.20
CA LYS B 43 1.96 -15.27 1.20
C LYS B 43 2.67 -16.19 2.21
N TRP B 44 2.50 -17.50 2.05
CA TRP B 44 3.02 -18.47 3.02
C TRP B 44 3.98 -19.45 2.38
N PRO B 45 5.05 -18.95 1.72
CA PRO B 45 6.04 -19.86 1.18
C PRO B 45 6.70 -20.73 2.23
N GLU B 46 6.90 -20.24 3.47
CA GLU B 46 7.55 -21.11 4.47
C GLU B 46 6.54 -22.18 4.89
N SER B 47 5.27 -22.06 4.51
CA SER B 47 4.26 -23.16 4.73
C SER B 47 4.53 -24.32 3.78
N PHE B 48 5.43 -24.16 2.79
CA PHE B 48 5.82 -25.25 1.86
C PHE B 48 7.04 -26.02 2.37
N LYS B 49 7.57 -25.70 3.56
CA LYS B 49 8.63 -26.53 4.15
C LYS B 49 8.13 -27.94 4.50
N ASN B 50 8.63 -28.97 3.85
CA ASN B 50 8.27 -30.38 4.13
C ASN B 50 6.75 -30.50 4.04
N SER B 51 6.15 -29.83 3.07
CA SER B 51 4.70 -29.99 2.78
C SER B 51 4.39 -31.14 1.80
N ALA B 52 5.38 -31.77 1.15
CA ALA B 52 5.11 -32.87 0.17
C ALA B 52 4.31 -34.00 0.87
N THR B 53 3.30 -34.51 0.20
CA THR B 53 2.38 -35.53 0.75
C THR B 53 1.63 -36.18 -0.42
N PRO B 54 1.22 -37.46 -0.32
CA PRO B 54 0.59 -38.12 -1.46
C PRO B 54 -0.78 -37.61 -1.86
N VAL B 55 -1.18 -37.98 -3.08
CA VAL B 55 -2.53 -37.68 -3.58
C VAL B 55 -3.51 -38.29 -2.58
N GLY B 56 -4.62 -37.60 -2.33
CA GLY B 56 -5.68 -38.10 -1.45
C GLY B 56 -5.45 -37.77 0.01
N THR B 57 -4.38 -37.00 0.31
CA THR B 57 -3.99 -36.68 1.69
C THR B 57 -3.94 -35.17 1.92
N ALA B 58 -3.85 -34.80 3.19
CA ALA B 58 -3.67 -33.41 3.65
C ALA B 58 -2.54 -33.37 4.68
N LYS B 59 -1.64 -32.39 4.54
CA LYS B 59 -0.55 -32.16 5.51
C LYS B 59 -0.55 -30.70 5.91
N THR B 60 -0.61 -30.44 7.23
CA THR B 60 -0.69 -29.06 7.75
C THR B 60 0.70 -28.57 8.17
N VAL B 61 1.06 -27.39 7.71
CA VAL B 61 2.28 -26.69 8.18
C VAL B 61 1.85 -25.34 8.79
N MET B 62 2.32 -25.13 10.02
CA MET B 62 2.03 -23.94 10.83
C MET B 62 3.02 -22.86 10.42
N CYS B 63 2.46 -21.71 10.10
CA CYS B 63 3.17 -20.41 10.14
C CYS B 63 2.80 -19.65 11.43
N GLY B 64 3.66 -19.76 12.44
CA GLY B 64 3.35 -19.29 13.80
C GLY B 64 2.12 -20.01 14.26
N THR B 65 1.02 -19.27 14.46
CA THR B 65 -0.25 -19.81 15.00
C THR B 65 -1.18 -20.22 13.85
N TYR B 66 -0.88 -19.79 12.61
CA TYR B 66 -1.78 -19.93 11.44
C TYR B 66 -1.53 -21.27 10.72
N PRO B 67 -2.57 -22.12 10.56
CA PRO B 67 -2.42 -23.37 9.84
C PRO B 67 -2.72 -23.22 8.34
N VAL B 68 -1.81 -23.77 7.55
CA VAL B 68 -1.99 -23.96 6.08
C VAL B 68 -2.13 -25.46 5.89
N ILE B 69 -3.32 -25.88 5.45
CA ILE B 69 -3.63 -27.32 5.23
C ILE B 69 -3.44 -27.62 3.72
N HIS B 70 -2.34 -28.29 3.40
CA HIS B 70 -2.04 -28.71 2.00
C HIS B 70 -2.82 -29.97 1.65
N ALA B 71 -3.85 -29.82 0.86
CA ALA B 71 -4.75 -30.92 0.44
C ALA B 71 -4.43 -31.24 -1.02
N VAL B 72 -4.03 -32.49 -1.28
CA VAL B 72 -3.64 -32.93 -2.65
C VAL B 72 -4.78 -33.68 -3.36
N GLY B 73 -5.54 -33.00 -4.17
CA GLY B 73 -6.54 -33.64 -5.04
C GLY B 73 -5.82 -34.20 -6.25
N PRO B 74 -6.48 -35.14 -6.93
CA PRO B 74 -5.87 -35.79 -8.08
C PRO B 74 -5.86 -34.83 -9.28
N ASN B 75 -4.87 -35.02 -10.16
CA ASN B 75 -4.88 -34.39 -11.51
C ASN B 75 -5.61 -35.34 -12.46
N PHE B 76 -6.80 -34.98 -12.93
CA PHE B 76 -7.60 -35.82 -13.84
C PHE B 76 -6.90 -35.98 -15.20
N SER B 77 -5.83 -35.23 -15.49
CA SER B 77 -4.96 -35.51 -16.68
C SER B 77 -4.27 -36.86 -16.48
N ASN B 78 -4.01 -37.29 -15.25
CA ASN B 78 -3.23 -38.53 -14.98
C ASN B 78 -4.15 -39.67 -14.50
N TYR B 79 -5.18 -39.37 -13.68
CA TYR B 79 -6.09 -40.38 -13.08
C TYR B 79 -7.27 -40.63 -14.04
N THR B 80 -7.81 -41.85 -13.99
CA THR B 80 -9.12 -42.18 -14.57
C THR B 80 -10.23 -41.44 -13.81
N GLU B 81 -11.40 -41.36 -14.40
CA GLU B 81 -12.59 -40.80 -13.72
C GLU B 81 -12.87 -41.58 -12.43
N SER B 82 -12.78 -42.92 -12.47
CA SER B 82 -13.06 -43.77 -11.30
C SER B 82 -12.01 -43.55 -10.19
N GLU B 83 -10.73 -43.67 -10.50
CA GLU B 83 -9.67 -43.57 -9.49
C GLU B 83 -9.57 -42.12 -8.96
N GLY B 84 -9.73 -41.14 -9.83
CA GLY B 84 -9.70 -39.73 -9.44
C GLY B 84 -10.85 -39.40 -8.51
N ASP B 85 -12.05 -39.95 -8.76
CA ASP B 85 -13.22 -39.63 -7.91
C ASP B 85 -12.96 -40.08 -6.46
N ARG B 86 -12.32 -41.23 -6.28
CA ARG B 86 -12.03 -41.82 -4.96
C ARG B 86 -10.98 -40.93 -4.28
N GLU B 87 -9.94 -40.51 -5.00
CA GLU B 87 -8.85 -39.72 -4.39
C GLU B 87 -9.38 -38.33 -4.02
N LEU B 88 -10.28 -37.77 -4.79
CA LEU B 88 -10.84 -36.43 -4.53
C LEU B 88 -11.70 -36.47 -3.27
N ALA B 89 -12.57 -37.47 -3.14
CA ALA B 89 -13.29 -37.77 -1.87
C ALA B 89 -12.30 -37.88 -0.70
N ALA B 90 -11.20 -38.60 -0.86
CA ALA B 90 -10.24 -38.87 0.22
C ALA B 90 -9.58 -37.56 0.68
N ALA B 91 -9.18 -36.70 -0.27
CA ALA B 91 -8.48 -35.46 0.11
C ALA B 91 -9.40 -34.65 1.04
N TYR B 92 -10.66 -34.48 0.65
CA TYR B 92 -11.61 -33.70 1.48
C TYR B 92 -11.83 -34.38 2.84
N ARG B 93 -11.91 -35.70 2.91
CA ARG B 93 -12.01 -36.38 4.23
C ARG B 93 -10.83 -36.01 5.12
N GLU B 94 -9.59 -36.04 4.58
N GLU B 94 -9.61 -36.01 4.57
CA GLU B 94 -8.36 -35.65 5.33
CA GLU B 94 -8.39 -35.65 5.33
C GLU B 94 -8.47 -34.18 5.78
C GLU B 94 -8.44 -34.17 5.76
N VAL B 95 -8.97 -33.28 4.92
CA VAL B 95 -9.18 -31.85 5.29
C VAL B 95 -10.10 -31.78 6.53
N ALA B 96 -11.20 -32.54 6.55
CA ALA B 96 -12.18 -32.49 7.67
C ALA B 96 -11.51 -32.95 8.99
N LYS B 97 -10.68 -34.00 8.94
CA LYS B 97 -9.89 -34.48 10.08
C LYS B 97 -8.93 -33.39 10.56
N GLU B 98 -8.23 -32.71 9.64
CA GLU B 98 -7.27 -31.66 10.07
C GLU B 98 -8.01 -30.47 10.68
N VAL B 99 -9.07 -29.99 10.04
CA VAL B 99 -9.88 -28.87 10.58
C VAL B 99 -10.34 -29.26 12.01
N THR B 100 -10.77 -30.49 12.17
CA THR B 100 -11.24 -30.97 13.50
C THR B 100 -10.06 -30.95 14.47
N ARG B 101 -8.94 -31.55 14.12
CA ARG B 101 -7.75 -31.65 14.99
C ARG B 101 -7.30 -30.26 15.44
N LEU B 102 -7.30 -29.28 14.54
CA LEU B 102 -6.76 -27.93 14.80
C LEU B 102 -7.69 -27.17 15.77
N GLY B 103 -8.98 -27.52 15.85
CA GLY B 103 -9.95 -26.85 16.75
C GLY B 103 -10.29 -25.45 16.28
N VAL B 104 -10.12 -25.16 15.00
CA VAL B 104 -10.45 -23.87 14.41
C VAL B 104 -11.98 -23.78 14.37
N ASN B 105 -12.45 -22.55 14.42
CA ASN B 105 -13.87 -22.19 14.29
C ASN B 105 -14.26 -21.78 12.88
N SER B 106 -13.27 -21.55 12.01
CA SER B 106 -13.50 -21.21 10.58
C SER B 106 -12.35 -21.74 9.72
N VAL B 107 -12.65 -21.98 8.44
CA VAL B 107 -11.68 -22.49 7.41
C VAL B 107 -12.09 -21.94 6.04
N ALA B 108 -11.09 -21.48 5.29
CA ALA B 108 -11.18 -21.08 3.87
C ALA B 108 -10.80 -22.26 2.99
N ILE B 109 -11.64 -22.64 2.04
N ILE B 109 -11.68 -22.70 2.08
CA ILE B 109 -11.42 -23.87 1.24
CA ILE B 109 -11.45 -23.93 1.25
C ILE B 109 -11.71 -23.60 -0.23
C ILE B 109 -11.71 -23.61 -0.22
N PRO B 110 -10.81 -24.02 -1.16
CA PRO B 110 -11.06 -23.96 -2.58
C PRO B 110 -11.69 -25.28 -3.06
N LEU B 111 -12.21 -25.30 -4.28
CA LEU B 111 -12.73 -26.54 -4.91
C LEU B 111 -11.54 -27.30 -5.52
N LEU B 112 -11.10 -28.34 -4.83
CA LEU B 112 -9.99 -29.20 -5.27
C LEU B 112 -10.31 -29.84 -6.63
N SER B 113 -9.26 -29.98 -7.42
CA SER B 113 -9.26 -30.62 -8.76
C SER B 113 -10.14 -29.92 -9.81
N THR B 114 -10.39 -28.63 -9.61
CA THR B 114 -10.92 -27.74 -10.66
C THR B 114 -9.68 -27.11 -11.30
N GLY B 115 -9.86 -26.16 -12.21
CA GLY B 115 -8.73 -25.48 -12.86
C GLY B 115 -7.76 -26.48 -13.50
N VAL B 116 -6.47 -26.37 -13.18
CA VAL B 116 -5.38 -27.06 -13.95
C VAL B 116 -5.47 -28.59 -13.74
N TYR B 117 -5.92 -29.06 -12.57
CA TYR B 117 -6.12 -30.51 -12.29
C TYR B 117 -7.44 -31.08 -12.84
N SER B 118 -8.29 -30.33 -13.55
CA SER B 118 -9.63 -30.78 -14.00
C SER B 118 -9.60 -31.70 -15.23
N GLY B 119 -8.43 -31.84 -15.91
CA GLY B 119 -8.36 -32.60 -17.17
C GLY B 119 -9.28 -31.99 -18.22
N GLY B 120 -9.54 -30.69 -18.12
CA GLY B 120 -10.36 -29.92 -19.07
C GLY B 120 -11.87 -30.09 -18.94
N LYS B 121 -12.36 -30.62 -17.81
CA LYS B 121 -13.82 -30.84 -17.56
C LYS B 121 -14.28 -29.88 -16.45
N ASP B 122 -15.57 -29.49 -16.51
CA ASP B 122 -16.23 -28.70 -15.45
C ASP B 122 -16.51 -29.65 -14.28
N ARG B 123 -15.87 -29.43 -13.12
CA ARG B 123 -16.01 -30.37 -11.98
C ARG B 123 -16.59 -29.62 -10.77
N LEU B 124 -17.31 -28.51 -10.99
CA LEU B 124 -17.89 -27.76 -9.83
C LEU B 124 -18.74 -28.70 -9.00
N THR B 125 -19.72 -29.34 -9.60
CA THR B 125 -20.72 -30.16 -8.88
C THR B 125 -20.00 -31.31 -8.17
N GLN B 126 -19.14 -32.02 -8.88
CA GLN B 126 -18.34 -33.15 -8.31
C GLN B 126 -17.56 -32.69 -7.08
N SER B 127 -16.75 -31.65 -7.24
CA SER B 127 -15.85 -31.19 -6.16
C SER B 127 -16.65 -30.67 -4.95
N LEU B 128 -17.71 -29.92 -5.19
CA LEU B 128 -18.58 -29.38 -4.12
C LEU B 128 -19.28 -30.52 -3.38
N ASN B 129 -19.68 -31.57 -4.09
CA ASN B 129 -20.35 -32.75 -3.46
C ASN B 129 -19.38 -33.39 -2.46
N HIS B 130 -18.12 -33.58 -2.85
CA HIS B 130 -17.13 -34.26 -2.00
C HIS B 130 -16.76 -33.31 -0.86
N LEU B 131 -16.77 -31.98 -1.11
CA LEU B 131 -16.52 -31.00 -0.01
C LEU B 131 -17.61 -31.13 1.07
N PHE B 132 -18.86 -31.06 0.67
CA PHE B 132 -20.02 -31.21 1.60
C PHE B 132 -19.97 -32.58 2.29
N THR B 133 -19.75 -33.67 1.54
CA THR B 133 -19.72 -35.03 2.16
C THR B 133 -18.75 -35.04 3.37
N ALA B 134 -17.56 -34.45 3.20
CA ALA B 134 -16.51 -34.39 4.24
C ALA B 134 -16.83 -33.36 5.32
N MET B 135 -17.24 -32.14 4.94
CA MET B 135 -17.29 -31.01 5.91
C MET B 135 -18.64 -30.99 6.67
N ASP B 136 -19.68 -31.70 6.22
CA ASP B 136 -21.05 -31.57 6.79
C ASP B 136 -21.04 -31.94 8.29
N SER B 137 -20.22 -32.88 8.69
CA SER B 137 -20.17 -33.38 10.09
C SER B 137 -19.23 -32.55 10.96
N THR B 138 -18.49 -31.56 10.41
CA THR B 138 -17.64 -30.65 11.20
C THR B 138 -18.50 -29.45 11.64
N ASP B 139 -18.05 -28.72 12.67
CA ASP B 139 -18.77 -27.55 13.19
C ASP B 139 -18.05 -26.24 12.87
N ALA B 140 -17.03 -26.23 12.01
CA ALA B 140 -16.36 -24.97 11.68
C ALA B 140 -17.22 -24.23 10.67
N ASP B 141 -17.17 -22.90 10.71
CA ASP B 141 -17.72 -22.06 9.62
C ASP B 141 -16.84 -22.31 8.40
N VAL B 142 -17.45 -22.73 7.28
CA VAL B 142 -16.69 -23.02 6.03
C VAL B 142 -17.01 -21.91 5.06
N VAL B 143 -15.96 -21.33 4.48
CA VAL B 143 -16.05 -20.29 3.42
C VAL B 143 -15.34 -20.86 2.19
N ILE B 144 -16.13 -21.13 1.14
CA ILE B 144 -15.66 -21.73 -0.14
C ILE B 144 -15.22 -20.58 -1.05
N TYR B 145 -14.02 -20.66 -1.62
CA TYR B 145 -13.48 -19.59 -2.49
C TYR B 145 -13.58 -20.04 -3.96
N CYS B 146 -13.91 -19.10 -4.84
CA CYS B 146 -13.92 -19.31 -6.31
C CYS B 146 -13.49 -17.99 -6.95
N ARG B 147 -13.27 -17.98 -8.26
CA ARG B 147 -12.92 -16.75 -9.01
C ARG B 147 -14.00 -16.41 -10.05
N ASP B 148 -14.73 -17.40 -10.56
CA ASP B 148 -15.69 -17.24 -11.69
C ASP B 148 -17.06 -16.81 -11.14
N LYS B 149 -17.69 -15.80 -11.76
CA LYS B 149 -19.01 -15.26 -11.31
C LYS B 149 -20.11 -16.32 -11.45
N GLU B 150 -20.11 -17.11 -12.52
CA GLU B 150 -21.16 -18.13 -12.75
C GLU B 150 -20.97 -19.25 -11.71
N TRP B 151 -19.72 -19.60 -11.42
CA TRP B 151 -19.38 -20.61 -10.38
C TRP B 151 -19.87 -20.11 -9.00
N GLU B 152 -19.62 -18.84 -8.67
CA GLU B 152 -20.11 -18.23 -7.41
C GLU B 152 -21.63 -18.42 -7.32
N LYS B 153 -22.36 -18.16 -8.40
CA LYS B 153 -23.85 -18.23 -8.44
C LYS B 153 -24.30 -19.69 -8.24
N LYS B 154 -23.61 -20.66 -8.82
CA LYS B 154 -23.99 -22.09 -8.74
C LYS B 154 -23.74 -22.58 -7.30
N ILE B 155 -22.58 -22.25 -6.74
CA ILE B 155 -22.16 -22.64 -5.35
C ILE B 155 -23.13 -22.03 -4.34
N SER B 156 -23.45 -20.77 -4.55
CA SER B 156 -24.42 -20.06 -3.68
C SER B 156 -25.79 -20.75 -3.72
N GLU B 157 -26.26 -21.12 -4.92
CA GLU B 157 -27.57 -21.79 -5.14
C GLU B 157 -27.58 -23.18 -4.48
N ALA B 158 -26.43 -23.88 -4.53
CA ALA B 158 -26.26 -25.20 -3.91
C ALA B 158 -26.34 -25.05 -2.38
N ILE B 159 -25.69 -24.05 -1.76
CA ILE B 159 -25.72 -23.84 -0.28
C ILE B 159 -27.17 -23.58 0.16
N GLN B 160 -27.84 -22.66 -0.52
CA GLN B 160 -29.18 -22.14 -0.15
C GLN B 160 -30.24 -23.24 -0.26
N MET B 161 -30.09 -24.16 -1.22
CA MET B 161 -31.11 -25.21 -1.47
C MET B 161 -31.14 -26.21 -0.31
N ARG B 162 -30.03 -26.35 0.44
CA ARG B 162 -29.95 -27.38 1.53
C ARG B 162 -30.47 -26.86 2.89
N THR B 163 -30.75 -25.58 3.02
CA THR B 163 -31.15 -24.97 4.31
C THR B 163 -32.57 -24.39 4.17
N GLY C 1 -15.77 22.54 -5.14
CA GLY C 1 -14.97 22.39 -3.88
C GLY C 1 -15.28 23.46 -2.85
N ALA C 2 -14.79 23.29 -1.62
CA ALA C 2 -14.94 24.26 -0.51
C ALA C 2 -14.08 25.50 -0.82
N MET C 3 -14.51 26.69 -0.38
CA MET C 3 -13.82 27.98 -0.61
C MET C 3 -12.45 27.99 0.10
N ALA C 4 -12.35 27.35 1.26
CA ALA C 4 -11.11 27.18 2.06
C ALA C 4 -11.07 25.74 2.57
N PRO C 5 -10.70 24.77 1.71
CA PRO C 5 -10.70 23.35 2.09
C PRO C 5 -10.03 23.13 3.45
N SER C 6 -10.71 22.40 4.34
CA SER C 6 -10.25 22.15 5.74
C SER C 6 -10.30 20.67 6.08
N TYR C 7 -9.63 20.31 7.18
CA TYR C 7 -9.80 19.04 7.90
C TYR C 7 -10.44 19.36 9.25
N ARG C 8 -11.37 18.53 9.72
CA ARG C 8 -11.96 18.62 11.08
C ARG C 8 -12.10 17.20 11.59
N VAL C 9 -12.24 17.06 12.90
CA VAL C 9 -12.51 15.73 13.52
C VAL C 9 -13.72 15.86 14.41
N LYS C 10 -14.50 14.79 14.48
CA LYS C 10 -15.73 14.68 15.27
C LYS C 10 -15.76 13.32 15.94
N ARG C 11 -16.09 13.34 17.23
CA ARG C 11 -16.30 12.13 18.04
C ARG C 11 -17.80 11.82 18.04
N MET C 12 -18.29 11.07 17.05
CA MET C 12 -19.70 10.65 16.98
C MET C 12 -19.82 9.58 15.91
N ASP C 13 -21.01 9.01 15.79
CA ASP C 13 -21.38 7.98 14.79
C ASP C 13 -21.35 8.60 13.38
N ILE C 14 -20.50 8.06 12.51
CA ILE C 14 -20.38 8.52 11.10
C ILE C 14 -21.73 8.32 10.37
N ALA C 15 -22.60 7.47 10.90
CA ALA C 15 -23.93 7.19 10.31
C ALA C 15 -24.84 8.42 10.46
N LYS C 16 -24.47 9.37 11.33
N LYS C 16 -24.50 9.37 11.34
CA LYS C 16 -25.21 10.63 11.61
CA LYS C 16 -25.24 10.64 11.55
C LYS C 16 -24.40 11.85 11.11
C LYS C 16 -24.40 11.85 11.11
N ASN C 17 -23.48 11.65 10.16
CA ASN C 17 -22.63 12.73 9.62
C ASN C 17 -23.46 13.85 8.96
N ASP C 18 -22.85 15.04 8.91
CA ASP C 18 -23.37 16.29 8.29
C ASP C 18 -22.64 16.66 7.00
N GLU C 19 -22.13 15.69 6.24
CA GLU C 19 -21.41 15.93 4.99
C GLU C 19 -22.17 15.38 3.78
N GLU C 20 -21.69 15.73 2.60
CA GLU C 20 -22.39 15.44 1.31
C GLU C 20 -22.23 13.97 0.89
N CYS C 21 -21.29 13.24 1.48
CA CYS C 21 -21.08 11.80 1.20
C CYS C 21 -20.35 11.15 2.35
N VAL C 22 -20.34 9.82 2.36
CA VAL C 22 -19.69 9.05 3.44
C VAL C 22 -18.73 8.02 2.83
N VAL C 23 -17.59 7.81 3.49
CA VAL C 23 -16.67 6.68 3.20
C VAL C 23 -17.03 5.52 4.13
N ASN C 24 -17.39 4.38 3.55
CA ASN C 24 -17.61 3.13 4.29
C ASN C 24 -16.25 2.42 4.46
N ALA C 25 -16.03 1.81 5.60
CA ALA C 25 -14.86 0.92 5.83
C ALA C 25 -15.26 -0.47 5.33
N ALA C 26 -15.27 -0.64 4.00
CA ALA C 26 -15.91 -1.75 3.26
C ALA C 26 -15.05 -3.03 3.33
N ASN C 27 -15.64 -4.15 2.90
CA ASN C 27 -14.93 -5.43 2.70
C ASN C 27 -15.03 -5.81 1.22
N PRO C 28 -14.14 -6.68 0.74
CA PRO C 28 -14.08 -7.03 -0.67
C PRO C 28 -15.34 -7.51 -1.42
N ARG C 29 -16.23 -8.22 -0.73
CA ARG C 29 -17.45 -8.82 -1.34
C ARG C 29 -18.70 -8.06 -0.89
N GLY C 30 -18.54 -6.86 -0.33
CA GLY C 30 -19.66 -5.92 -0.15
C GLY C 30 -20.67 -6.42 0.84
N LEU C 31 -20.20 -7.06 1.89
CA LEU C 31 -21.03 -7.63 2.96
C LEU C 31 -21.23 -6.62 4.06
N PRO C 32 -22.26 -6.81 4.90
CA PRO C 32 -22.52 -5.91 6.04
C PRO C 32 -21.36 -5.75 7.05
N GLY C 33 -20.57 -6.82 7.26
CA GLY C 33 -19.35 -6.71 8.09
C GLY C 33 -19.63 -6.29 9.52
N ASP C 34 -18.72 -5.51 10.11
CA ASP C 34 -18.68 -5.13 11.55
C ASP C 34 -18.21 -3.68 11.72
N GLY C 35 -18.23 -3.15 12.93
CA GLY C 35 -17.71 -1.80 13.22
C GLY C 35 -18.44 -0.76 12.38
N VAL C 36 -17.68 0.15 11.75
CA VAL C 36 -18.23 1.23 10.87
C VAL C 36 -19.07 0.57 9.76
N CYS C 37 -18.56 -0.51 9.16
CA CYS C 37 -19.20 -1.14 7.98
C CYS C 37 -20.65 -1.52 8.30
N LYS C 38 -20.89 -2.03 9.50
CA LYS C 38 -22.22 -2.48 9.99
C LYS C 38 -23.16 -1.25 10.16
N ALA C 39 -22.69 -0.19 10.81
CA ALA C 39 -23.39 1.11 10.97
C ALA C 39 -23.78 1.67 9.61
N VAL C 40 -22.83 1.68 8.66
CA VAL C 40 -23.14 2.12 7.28
C VAL C 40 -24.23 1.19 6.68
N TYR C 41 -24.15 -0.12 6.86
CA TYR C 41 -25.15 -1.06 6.28
C TYR C 41 -26.55 -0.80 6.84
N LYS C 42 -26.65 -0.45 8.12
CA LYS C 42 -27.95 -0.18 8.80
C LYS C 42 -28.53 1.15 8.29
N LYS C 43 -27.68 2.18 8.11
CA LYS C 43 -28.14 3.53 7.65
C LYS C 43 -28.39 3.56 6.14
N TRP C 44 -27.56 2.90 5.33
CA TRP C 44 -27.61 2.97 3.86
C TRP C 44 -27.56 1.60 3.18
N PRO C 45 -28.47 0.65 3.46
CA PRO C 45 -28.32 -0.72 2.96
C PRO C 45 -28.40 -0.75 1.43
N GLU C 46 -29.19 0.17 0.82
CA GLU C 46 -29.35 0.22 -0.67
C GLU C 46 -27.98 0.46 -1.35
N SER C 47 -27.03 1.08 -0.64
CA SER C 47 -25.67 1.37 -1.21
C SER C 47 -24.83 0.10 -1.35
N PHE C 48 -25.29 -1.05 -0.86
CA PHE C 48 -24.51 -2.32 -0.97
C PHE C 48 -24.92 -3.17 -2.18
N LYS C 49 -25.70 -2.60 -3.10
CA LYS C 49 -25.98 -3.25 -4.40
C LYS C 49 -24.74 -3.22 -5.29
N ASN C 50 -24.13 -4.39 -5.55
CA ASN C 50 -22.93 -4.51 -6.41
C ASN C 50 -21.84 -3.57 -5.88
N SER C 51 -21.65 -3.50 -4.57
CA SER C 51 -20.59 -2.66 -3.96
C SER C 51 -19.24 -3.40 -3.82
N ALA C 52 -19.20 -4.69 -4.14
CA ALA C 52 -17.97 -5.51 -4.02
C ALA C 52 -16.84 -4.83 -4.81
N THR C 53 -15.64 -4.71 -4.20
CA THR C 53 -14.46 -4.10 -4.86
C THR C 53 -13.19 -4.66 -4.18
N PRO C 54 -12.05 -4.83 -4.87
CA PRO C 54 -10.90 -5.45 -4.22
C PRO C 54 -10.22 -4.61 -3.11
N VAL C 55 -9.40 -5.28 -2.31
CA VAL C 55 -8.57 -4.59 -1.29
C VAL C 55 -7.74 -3.53 -2.02
N GLY C 56 -7.58 -2.34 -1.42
CA GLY C 56 -6.80 -1.21 -1.99
C GLY C 56 -7.57 -0.40 -3.03
N THR C 57 -8.90 -0.60 -3.12
CA THR C 57 -9.73 0.13 -4.10
C THR C 57 -10.96 0.70 -3.39
N ALA C 58 -11.67 1.59 -4.07
CA ALA C 58 -12.95 2.11 -3.55
C ALA C 58 -13.93 2.14 -4.72
N LYS C 59 -15.19 1.90 -4.41
CA LYS C 59 -16.28 1.93 -5.40
C LYS C 59 -17.47 2.69 -4.79
N THR C 60 -18.04 3.61 -5.54
CA THR C 60 -19.15 4.46 -5.02
C THR C 60 -20.48 3.87 -5.47
N VAL C 61 -21.40 3.66 -4.54
CA VAL C 61 -22.83 3.31 -4.85
C VAL C 61 -23.75 4.30 -4.13
N MET C 62 -24.74 4.82 -4.86
CA MET C 62 -25.74 5.76 -4.30
C MET C 62 -26.76 5.04 -3.43
N CYS C 63 -27.15 5.68 -2.35
CA CYS C 63 -28.34 5.32 -1.57
C CYS C 63 -29.33 6.46 -1.80
N GLY C 64 -30.32 6.27 -2.69
CA GLY C 64 -31.06 7.42 -3.24
C GLY C 64 -30.15 8.28 -4.09
N THR C 65 -29.77 9.50 -3.67
CA THR C 65 -28.79 10.35 -4.35
C THR C 65 -27.55 10.57 -3.44
N TYR C 66 -27.52 9.95 -2.27
CA TYR C 66 -26.45 10.14 -1.25
C TYR C 66 -25.31 9.12 -1.49
N PRO C 67 -24.10 9.60 -1.87
CA PRO C 67 -23.04 8.68 -2.29
C PRO C 67 -22.40 8.02 -1.07
N VAL C 68 -22.23 6.70 -1.18
CA VAL C 68 -21.46 5.89 -0.21
C VAL C 68 -20.24 5.38 -0.96
N ILE C 69 -19.07 5.82 -0.52
CA ILE C 69 -17.78 5.43 -1.14
C ILE C 69 -17.25 4.22 -0.34
N HIS C 70 -17.33 3.01 -0.93
CA HIS C 70 -16.95 1.74 -0.28
C HIS C 70 -15.44 1.56 -0.45
N ALA C 71 -14.68 1.90 0.60
CA ALA C 71 -13.19 1.86 0.60
C ALA C 71 -12.73 0.61 1.32
N VAL C 72 -12.00 -0.26 0.62
CA VAL C 72 -11.58 -1.56 1.20
C VAL C 72 -10.11 -1.47 1.62
N GLY C 73 -9.90 -1.09 2.87
CA GLY C 73 -8.58 -1.13 3.49
C GLY C 73 -8.28 -2.57 3.91
N PRO C 74 -7.01 -2.91 4.10
CA PRO C 74 -6.65 -4.24 4.57
C PRO C 74 -7.04 -4.52 6.02
N ASN C 75 -7.36 -5.77 6.30
CA ASN C 75 -7.54 -6.27 7.67
C ASN C 75 -6.19 -6.80 8.12
N PHE C 76 -5.53 -6.09 9.04
CA PHE C 76 -4.15 -6.41 9.43
C PHE C 76 -4.04 -7.74 10.19
N SER C 77 -5.16 -8.39 10.53
CA SER C 77 -5.12 -9.78 11.06
C SER C 77 -4.62 -10.72 9.96
N ASN C 78 -4.84 -10.34 8.69
CA ASN C 78 -4.59 -11.20 7.49
C ASN C 78 -3.52 -10.60 6.55
N TYR C 79 -2.98 -9.44 6.84
CA TYR C 79 -1.93 -8.81 5.99
C TYR C 79 -0.65 -8.65 6.82
N THR C 80 0.50 -8.83 6.19
CA THR C 80 1.80 -8.44 6.83
C THR C 80 1.85 -6.92 6.95
N GLU C 81 2.70 -6.39 7.82
CA GLU C 81 2.87 -4.92 7.91
C GLU C 81 3.23 -4.32 6.57
N SER C 82 4.12 -4.94 5.82
CA SER C 82 4.56 -4.45 4.50
C SER C 82 3.40 -4.45 3.49
N GLU C 83 2.74 -5.59 3.26
CA GLU C 83 1.71 -5.64 2.21
C GLU C 83 0.52 -4.76 2.62
N GLY C 84 0.16 -4.79 3.88
CA GLY C 84 -0.99 -4.00 4.37
C GLY C 84 -0.71 -2.53 4.18
N ASP C 85 0.51 -2.07 4.51
CA ASP C 85 0.78 -0.63 4.43
C ASP C 85 0.55 -0.17 3.00
N ARG C 86 0.94 -0.96 2.00
CA ARG C 86 0.77 -0.51 0.61
C ARG C 86 -0.74 -0.49 0.24
N GLU C 87 -1.50 -1.50 0.65
CA GLU C 87 -2.96 -1.54 0.35
C GLU C 87 -3.72 -0.41 1.05
N LEU C 88 -3.34 -0.04 2.28
CA LEU C 88 -4.01 1.04 3.03
C LEU C 88 -3.79 2.34 2.27
N ALA C 89 -2.54 2.62 1.87
CA ALA C 89 -2.24 3.80 1.03
C ALA C 89 -3.08 3.84 -0.25
N ALA C 90 -3.21 2.70 -0.94
CA ALA C 90 -3.94 2.59 -2.20
C ALA C 90 -5.43 2.88 -2.01
N ALA C 91 -6.04 2.32 -0.96
CA ALA C 91 -7.48 2.51 -0.63
C ALA C 91 -7.76 4.00 -0.43
N TYR C 92 -6.93 4.71 0.34
CA TYR C 92 -7.09 6.16 0.50
C TYR C 92 -6.95 6.93 -0.82
N ARG C 93 -6.00 6.54 -1.69
N ARG C 93 -6.01 6.53 -1.69
CA ARG C 93 -5.81 7.21 -2.99
CA ARG C 93 -5.82 7.22 -3.00
C ARG C 93 -7.09 7.05 -3.83
C ARG C 93 -7.09 7.04 -3.84
N GLU C 94 -7.73 5.88 -3.76
CA GLU C 94 -8.97 5.64 -4.52
C GLU C 94 -10.11 6.46 -3.91
N VAL C 95 -10.13 6.68 -2.58
CA VAL C 95 -11.15 7.56 -1.93
C VAL C 95 -11.00 8.98 -2.52
N ALA C 96 -9.79 9.50 -2.64
CA ALA C 96 -9.51 10.83 -3.22
C ALA C 96 -10.06 10.90 -4.64
N LYS C 97 -9.80 9.86 -5.47
CA LYS C 97 -10.36 9.78 -6.85
C LYS C 97 -11.90 9.86 -6.83
N GLU C 98 -12.56 9.10 -5.99
CA GLU C 98 -14.05 9.05 -5.94
C GLU C 98 -14.62 10.36 -5.43
N VAL C 99 -14.03 10.93 -4.39
CA VAL C 99 -14.53 12.24 -3.88
C VAL C 99 -14.40 13.27 -4.99
N THR C 100 -13.30 13.30 -5.74
CA THR C 100 -13.09 14.24 -6.84
C THR C 100 -14.17 14.02 -7.91
N ARG C 101 -14.31 12.79 -8.32
CA ARG C 101 -15.22 12.39 -9.45
C ARG C 101 -16.64 12.88 -9.09
N LEU C 102 -17.06 12.75 -7.83
CA LEU C 102 -18.44 13.12 -7.40
C LEU C 102 -18.66 14.64 -7.42
N GLY C 103 -17.62 15.45 -7.33
CA GLY C 103 -17.79 16.93 -7.27
C GLY C 103 -18.31 17.45 -5.95
N VAL C 104 -18.32 16.61 -4.90
CA VAL C 104 -18.83 16.97 -3.56
C VAL C 104 -17.95 18.06 -2.92
N ASN C 105 -18.53 18.82 -1.99
CA ASN C 105 -17.78 19.88 -1.28
C ASN C 105 -17.34 19.41 0.10
N SER C 106 -17.79 18.22 0.51
CA SER C 106 -17.46 17.65 1.85
C SER C 106 -17.58 16.12 1.83
N VAL C 107 -16.87 15.46 2.75
CA VAL C 107 -16.86 13.99 2.91
C VAL C 107 -16.64 13.63 4.38
N ALA C 108 -17.40 12.65 4.88
CA ALA C 108 -17.24 12.02 6.20
C ALA C 108 -16.38 10.76 6.02
N ILE C 109 -15.22 10.70 6.69
N ILE C 109 -15.29 10.67 6.77
CA ILE C 109 -14.23 9.59 6.51
CA ILE C 109 -14.29 9.57 6.55
C ILE C 109 -13.90 9.00 7.87
C ILE C 109 -13.92 8.99 7.91
N PRO C 110 -13.91 7.65 8.02
CA PRO C 110 -13.33 6.97 9.18
C PRO C 110 -11.84 6.65 8.95
N LEU C 111 -11.11 6.33 10.02
CA LEU C 111 -9.68 5.91 9.86
C LEU C 111 -9.68 4.44 9.43
N LEU C 112 -9.43 4.19 8.15
CA LEU C 112 -9.44 2.82 7.58
C LEU C 112 -8.40 1.95 8.30
N SER C 113 -8.71 0.66 8.44
CA SER C 113 -7.82 -0.39 9.00
C SER C 113 -7.48 -0.13 10.48
N THR C 114 -8.36 0.56 11.20
CA THR C 114 -8.34 0.61 12.68
C THR C 114 -9.51 -0.26 13.17
N GLY C 115 -9.74 -0.25 14.49
CA GLY C 115 -10.80 -1.06 15.11
C GLY C 115 -10.73 -2.50 14.65
N VAL C 116 -11.82 -3.04 14.07
CA VAL C 116 -11.92 -4.49 13.79
C VAL C 116 -10.90 -4.91 12.73
N TYR C 117 -10.31 -3.99 11.97
CA TYR C 117 -9.30 -4.34 10.95
C TYR C 117 -7.87 -4.04 11.46
N SER C 118 -7.69 -3.66 12.72
CA SER C 118 -6.37 -3.19 13.24
C SER C 118 -5.37 -4.34 13.42
N GLY C 119 -5.82 -5.58 13.44
CA GLY C 119 -5.00 -6.72 13.86
C GLY C 119 -4.43 -6.55 15.27
N GLY C 120 -5.12 -5.78 16.13
CA GLY C 120 -4.72 -5.57 17.53
C GLY C 120 -3.66 -4.50 17.77
N LYS C 121 -3.29 -3.70 16.75
CA LYS C 121 -2.29 -2.62 16.90
C LYS C 121 -2.98 -1.25 16.86
N ASP C 122 -2.40 -0.27 17.53
CA ASP C 122 -2.77 1.15 17.43
C ASP C 122 -2.27 1.69 16.09
N ARG C 123 -3.17 1.97 15.14
CA ARG C 123 -2.81 2.46 13.79
C ARG C 123 -3.34 3.87 13.51
N LEU C 124 -3.55 4.70 14.54
CA LEU C 124 -4.02 6.10 14.35
C LEU C 124 -3.05 6.88 13.45
N THR C 125 -1.76 7.00 13.83
CA THR C 125 -0.77 7.76 13.04
C THR C 125 -0.68 7.20 11.62
N GLN C 126 -0.53 5.89 11.49
CA GLN C 126 -0.42 5.23 10.17
C GLN C 126 -1.63 5.56 9.27
N SER C 127 -2.82 5.31 9.78
CA SER C 127 -4.05 5.52 8.99
C SER C 127 -4.18 7.01 8.62
N LEU C 128 -3.98 7.90 9.60
CA LEU C 128 -4.11 9.35 9.37
C LEU C 128 -3.06 9.84 8.37
N ASN C 129 -1.82 9.36 8.45
CA ASN C 129 -0.78 9.75 7.48
C ASN C 129 -1.24 9.39 6.08
N HIS C 130 -1.73 8.17 5.85
CA HIS C 130 -2.19 7.80 4.49
C HIS C 130 -3.42 8.66 4.03
N LEU C 131 -4.31 9.01 4.96
CA LEU C 131 -5.49 9.87 4.67
C LEU C 131 -5.00 11.23 4.15
N PHE C 132 -4.07 11.87 4.86
CA PHE C 132 -3.51 13.18 4.45
C PHE C 132 -2.80 13.06 3.10
N THR C 133 -2.00 12.00 2.91
CA THR C 133 -1.25 11.80 1.65
C THR C 133 -2.21 11.83 0.43
N ALA C 134 -3.38 11.19 0.57
CA ALA C 134 -4.39 11.06 -0.50
C ALA C 134 -5.20 12.35 -0.64
N MET C 135 -5.67 12.93 0.46
CA MET C 135 -6.75 13.96 0.47
C MET C 135 -6.17 15.37 0.40
N ASP C 136 -4.88 15.57 0.63
CA ASP C 136 -4.31 16.95 0.68
C ASP C 136 -4.49 17.65 -0.67
N SER C 137 -4.51 16.92 -1.81
CA SER C 137 -4.61 17.51 -3.16
C SER C 137 -6.08 17.64 -3.61
N THR C 138 -7.03 17.26 -2.77
CA THR C 138 -8.49 17.50 -2.96
C THR C 138 -8.95 18.78 -2.30
N ASP C 139 -10.06 19.37 -2.81
CA ASP C 139 -10.57 20.66 -2.33
C ASP C 139 -11.85 20.44 -1.54
N ALA C 140 -12.21 19.21 -1.21
CA ALA C 140 -13.38 18.98 -0.35
C ALA C 140 -13.05 19.23 1.11
N ASP C 141 -14.03 19.70 1.88
CA ASP C 141 -13.94 19.72 3.37
C ASP C 141 -13.96 18.26 3.85
N VAL C 142 -12.96 17.86 4.63
CA VAL C 142 -12.83 16.48 5.13
C VAL C 142 -13.16 16.47 6.61
N VAL C 143 -14.10 15.63 7.03
CA VAL C 143 -14.48 15.49 8.44
C VAL C 143 -14.19 14.04 8.84
N ILE C 144 -13.20 13.86 9.73
CA ILE C 144 -12.74 12.54 10.22
C ILE C 144 -13.58 12.17 11.45
N TYR C 145 -14.19 10.98 11.44
CA TYR C 145 -15.05 10.47 12.54
C TYR C 145 -14.27 9.45 13.37
N CYS C 146 -14.35 9.58 14.69
CA CYS C 146 -13.81 8.61 15.68
C CYS C 146 -14.80 8.43 16.82
N ARG C 147 -14.52 7.45 17.70
CA ARG C 147 -15.41 7.02 18.82
C ARG C 147 -14.69 7.10 20.17
N ASP C 148 -13.37 7.35 20.19
CA ASP C 148 -12.54 7.35 21.44
C ASP C 148 -12.04 8.77 21.71
N LYS C 149 -12.12 9.23 22.96
CA LYS C 149 -11.78 10.64 23.31
C LYS C 149 -10.27 10.90 23.15
N GLU C 150 -9.41 9.94 23.47
CA GLU C 150 -7.94 10.06 23.30
C GLU C 150 -7.60 10.19 21.81
N TRP C 151 -8.26 9.40 20.96
CA TRP C 151 -8.10 9.52 19.49
C TRP C 151 -8.56 10.90 19.01
N GLU C 152 -9.75 11.37 19.43
CA GLU C 152 -10.23 12.73 19.05
C GLU C 152 -9.12 13.77 19.32
N LYS C 153 -8.47 13.68 20.48
CA LYS C 153 -7.43 14.68 20.89
C LYS C 153 -6.22 14.59 19.97
N LYS C 154 -5.70 13.37 19.74
CA LYS C 154 -4.50 13.17 18.89
C LYS C 154 -4.80 13.57 17.46
N ILE C 155 -6.00 13.21 16.94
CA ILE C 155 -6.32 13.62 15.52
C ILE C 155 -6.35 15.14 15.46
N SER C 156 -7.00 15.78 16.44
CA SER C 156 -7.12 17.25 16.48
C SER C 156 -5.75 17.91 16.48
N GLU C 157 -4.83 17.39 17.31
CA GLU C 157 -3.44 17.91 17.40
C GLU C 157 -2.75 17.75 16.05
N ALA C 158 -2.94 16.61 15.40
CA ALA C 158 -2.25 16.35 14.12
C ALA C 158 -2.73 17.35 13.07
N ILE C 159 -4.03 17.66 13.03
CA ILE C 159 -4.58 18.60 12.03
C ILE C 159 -3.97 19.97 12.31
N GLN C 160 -4.00 20.39 13.58
CA GLN C 160 -3.68 21.79 13.95
C GLN C 160 -2.18 22.05 13.79
N MET C 161 -1.32 21.06 13.92
CA MET C 161 0.15 21.22 13.73
C MET C 161 0.54 21.76 12.34
N ARG C 162 -0.29 21.48 11.32
CA ARG C 162 -0.04 21.85 9.90
C ARG C 162 -0.72 23.20 9.58
N THR C 163 -1.55 23.73 10.50
CA THR C 163 -2.30 25.00 10.35
C THR C 163 -1.51 26.15 10.98
N PRO D 5 1.75 40.17 -25.01
CA PRO D 5 2.76 39.60 -24.08
C PRO D 5 3.99 39.04 -24.80
N SER D 6 5.06 38.75 -24.05
N SER D 6 5.08 38.79 -24.06
CA SER D 6 6.33 38.16 -24.55
CA SER D 6 6.33 38.16 -24.53
C SER D 6 6.72 36.98 -23.65
C SER D 6 6.62 36.92 -23.66
N TYR D 7 7.27 35.91 -24.24
CA TYR D 7 7.55 34.64 -23.53
C TYR D 7 9.03 34.30 -23.57
N ARG D 8 9.56 33.94 -22.41
CA ARG D 8 10.92 33.40 -22.24
C ARG D 8 10.81 32.20 -21.34
N VAL D 9 11.84 31.35 -21.38
CA VAL D 9 11.99 30.17 -20.48
C VAL D 9 13.34 30.29 -19.77
N LYS D 10 13.39 29.89 -18.51
CA LYS D 10 14.63 29.81 -17.69
C LYS D 10 14.65 28.46 -16.96
N ARG D 11 15.80 27.79 -16.92
CA ARG D 11 15.98 26.53 -16.17
C ARG D 11 16.59 26.86 -14.80
N MET D 12 15.75 27.32 -13.87
CA MET D 12 16.22 27.74 -12.52
C MET D 12 15.05 27.66 -11.53
N ASP D 13 15.37 27.79 -10.25
CA ASP D 13 14.40 27.78 -9.13
C ASP D 13 13.53 29.04 -9.27
N ILE D 14 12.21 28.85 -9.39
CA ILE D 14 11.24 29.98 -9.52
C ILE D 14 11.29 30.87 -8.26
N ALA D 15 11.75 30.31 -7.14
CA ALA D 15 11.91 31.05 -5.86
C ALA D 15 13.01 32.12 -5.99
N LYS D 16 13.81 32.07 -7.05
CA LYS D 16 14.88 33.07 -7.30
C LYS D 16 14.58 33.84 -8.59
N ASN D 17 13.30 33.97 -8.96
CA ASN D 17 12.91 34.66 -10.22
C ASN D 17 13.29 36.14 -10.22
N ASP D 18 13.33 36.72 -11.41
CA ASP D 18 13.66 38.15 -11.62
C ASP D 18 12.43 38.91 -12.12
N GLU D 19 11.22 38.52 -11.71
CA GLU D 19 10.00 39.20 -12.19
C GLU D 19 9.22 39.90 -11.06
N GLU D 20 8.17 40.65 -11.42
CA GLU D 20 7.41 41.52 -10.47
C GLU D 20 6.48 40.70 -9.57
N CYS D 21 6.16 39.44 -9.95
CA CYS D 21 5.28 38.59 -9.14
C CYS D 21 5.53 37.14 -9.54
N VAL D 22 5.05 36.21 -8.71
CA VAL D 22 5.27 34.75 -8.90
C VAL D 22 3.92 34.02 -8.86
N VAL D 23 3.82 32.97 -9.68
CA VAL D 23 2.68 32.06 -9.63
C VAL D 23 3.18 30.83 -8.87
N ASN D 24 2.50 30.51 -7.78
CA ASN D 24 2.74 29.26 -7.01
C ASN D 24 1.92 28.13 -7.64
N ALA D 25 2.54 26.96 -7.83
CA ALA D 25 1.80 25.71 -8.17
C ALA D 25 1.26 25.13 -6.84
N ALA D 26 0.15 25.67 -6.37
CA ALA D 26 -0.34 25.53 -5.00
C ALA D 26 -1.14 24.24 -4.86
N ASN D 27 -1.38 23.82 -3.65
CA ASN D 27 -2.41 22.81 -3.32
C ASN D 27 -3.64 23.56 -2.85
N PRO D 28 -4.79 22.90 -2.81
CA PRO D 28 -6.01 23.59 -2.40
C PRO D 28 -6.07 24.01 -0.93
N ARG D 29 -5.20 23.46 -0.08
CA ARG D 29 -5.30 23.60 1.40
C ARG D 29 -4.33 24.66 1.91
N GLY D 30 -3.52 25.26 1.06
CA GLY D 30 -2.49 26.24 1.47
C GLY D 30 -1.42 25.58 2.32
N LEU D 31 -1.15 24.30 2.10
CA LEU D 31 -0.08 23.56 2.81
C LEU D 31 1.25 23.86 2.14
N PRO D 32 2.38 23.72 2.87
CA PRO D 32 3.71 23.85 2.30
C PRO D 32 4.04 22.92 1.13
N GLY D 33 3.56 21.67 1.19
CA GLY D 33 3.63 20.74 0.05
C GLY D 33 5.06 20.31 -0.27
N ASP D 34 5.34 20.07 -1.55
CA ASP D 34 6.71 19.76 -2.08
C ASP D 34 6.84 20.40 -3.48
N GLY D 35 8.00 20.23 -4.13
CA GLY D 35 8.23 20.77 -5.47
C GLY D 35 8.24 22.29 -5.43
N VAL D 36 7.69 22.93 -6.47
CA VAL D 36 7.64 24.43 -6.57
C VAL D 36 6.99 24.97 -5.29
N CYS D 37 5.91 24.34 -4.84
CA CYS D 37 5.13 24.81 -3.66
C CYS D 37 6.00 24.91 -2.41
N LYS D 38 6.88 23.93 -2.16
CA LYS D 38 7.75 23.93 -0.94
C LYS D 38 8.79 25.06 -1.05
N ALA D 39 9.39 25.26 -2.22
CA ALA D 39 10.38 26.34 -2.46
C ALA D 39 9.70 27.72 -2.29
N VAL D 40 8.47 27.84 -2.74
CA VAL D 40 7.67 29.09 -2.60
C VAL D 40 7.40 29.28 -1.10
N TYR D 41 7.06 28.22 -0.36
CA TYR D 41 6.79 28.34 1.10
C TYR D 41 8.05 28.78 1.86
N LYS D 42 9.22 28.28 1.45
CA LYS D 42 10.52 28.58 2.08
C LYS D 42 10.87 30.06 1.83
N LYS D 43 10.59 30.56 0.62
CA LYS D 43 10.97 31.94 0.19
C LYS D 43 9.95 32.99 0.65
N TRP D 44 8.65 32.71 0.58
CA TRP D 44 7.54 33.67 0.87
C TRP D 44 6.51 33.08 1.84
N PRO D 45 6.89 32.59 3.04
CA PRO D 45 5.94 31.87 3.89
C PRO D 45 4.76 32.75 4.30
N GLU D 46 4.96 34.08 4.41
CA GLU D 46 3.87 34.97 4.85
C GLU D 46 2.73 34.93 3.84
N SER D 47 3.01 34.60 2.58
CA SER D 47 2.00 34.56 1.49
C SER D 47 1.05 33.37 1.65
N PHE D 48 1.27 32.47 2.60
CA PHE D 48 0.37 31.33 2.85
C PHE D 48 -0.72 31.62 3.89
N LYS D 49 -0.79 32.87 4.39
CA LYS D 49 -1.89 33.30 5.27
C LYS D 49 -3.20 33.27 4.47
N ASN D 50 -4.07 32.32 4.79
CA ASN D 50 -5.37 32.16 4.11
C ASN D 50 -5.19 32.06 2.57
N SER D 51 -4.23 31.25 2.13
CA SER D 51 -3.99 31.00 0.68
C SER D 51 -4.95 29.92 0.13
N ALA D 52 -5.49 29.06 1.00
CA ALA D 52 -6.37 27.94 0.62
C ALA D 52 -7.42 28.44 -0.38
N THR D 53 -7.63 27.70 -1.48
CA THR D 53 -8.55 28.08 -2.58
C THR D 53 -8.85 26.83 -3.38
N PRO D 54 -10.03 26.74 -4.05
CA PRO D 54 -10.40 25.51 -4.74
C PRO D 54 -9.57 25.24 -6.01
N VAL D 55 -9.59 23.98 -6.46
CA VAL D 55 -9.00 23.59 -7.76
C VAL D 55 -9.58 24.49 -8.87
N GLY D 56 -8.74 24.89 -9.81
CA GLY D 56 -9.14 25.73 -10.95
C GLY D 56 -9.25 27.19 -10.60
N THR D 57 -8.78 27.61 -9.41
CA THR D 57 -8.81 29.03 -8.97
C THR D 57 -7.41 29.56 -8.67
N ALA D 58 -7.30 30.90 -8.66
CA ALA D 58 -6.03 31.57 -8.24
C ALA D 58 -6.35 32.57 -7.11
N LYS D 59 -5.55 32.60 -6.06
CA LYS D 59 -5.76 33.52 -4.90
C LYS D 59 -4.42 34.20 -4.63
N THR D 60 -4.39 35.53 -4.75
CA THR D 60 -3.18 36.35 -4.57
C THR D 60 -3.04 36.77 -3.11
N VAL D 61 -1.91 36.47 -2.51
CA VAL D 61 -1.53 36.96 -1.14
C VAL D 61 -0.16 37.61 -1.24
N MET D 62 -0.02 38.77 -0.62
CA MET D 62 1.24 39.54 -0.62
C MET D 62 2.20 38.96 0.39
N CYS D 63 3.48 38.95 0.06
CA CYS D 63 4.55 38.75 1.02
C CYS D 63 5.30 40.10 1.03
N GLY D 64 5.07 40.91 2.05
CA GLY D 64 5.47 42.33 1.95
C GLY D 64 4.67 43.00 0.86
N THR D 65 5.31 43.53 -0.19
CA THR D 65 4.60 44.07 -1.36
C THR D 65 4.75 43.13 -2.57
N TYR D 66 5.35 41.97 -2.41
CA TYR D 66 5.58 41.03 -3.53
C TYR D 66 4.41 40.05 -3.67
N PRO D 67 3.66 40.09 -4.80
CA PRO D 67 2.47 39.28 -4.97
C PRO D 67 2.80 37.81 -5.31
N VAL D 68 2.24 36.91 -4.54
CA VAL D 68 2.29 35.43 -4.79
C VAL D 68 0.87 35.03 -5.21
N ILE D 69 0.74 34.56 -6.45
CA ILE D 69 -0.55 34.18 -7.08
C ILE D 69 -0.66 32.67 -6.90
N HIS D 70 -1.41 32.21 -5.90
CA HIS D 70 -1.52 30.77 -5.60
C HIS D 70 -2.49 30.16 -6.62
N ALA D 71 -1.99 29.39 -7.58
CA ALA D 71 -2.80 28.79 -8.67
C ALA D 71 -2.92 27.29 -8.43
N VAL D 72 -4.15 26.80 -8.28
CA VAL D 72 -4.39 25.37 -7.95
C VAL D 72 -4.78 24.62 -9.23
N GLY D 73 -3.80 24.00 -9.84
CA GLY D 73 -4.07 23.06 -10.95
C GLY D 73 -4.65 21.77 -10.39
N PRO D 74 -5.32 20.98 -11.26
CA PRO D 74 -5.83 19.70 -10.85
C PRO D 74 -4.71 18.68 -10.64
N ASN D 75 -4.91 17.78 -9.70
CA ASN D 75 -4.10 16.56 -9.54
C ASN D 75 -4.71 15.49 -10.45
N PHE D 76 -4.01 15.16 -11.53
CA PHE D 76 -4.48 14.14 -12.51
C PHE D 76 -4.49 12.74 -11.89
N SER D 77 -3.88 12.50 -10.75
CA SER D 77 -4.17 11.28 -9.97
C SER D 77 -5.64 11.22 -9.56
N ASN D 78 -6.32 12.36 -9.37
CA ASN D 78 -7.70 12.36 -8.83
C ASN D 78 -8.74 12.65 -9.94
N TYR D 79 -8.38 13.47 -10.93
CA TYR D 79 -9.29 14.01 -11.96
C TYR D 79 -9.22 13.04 -13.15
N THR D 80 -10.33 12.87 -13.84
CA THR D 80 -10.34 12.32 -15.22
C THR D 80 -9.56 13.21 -16.18
N GLU D 81 -9.11 12.66 -17.30
CA GLU D 81 -8.48 13.53 -18.32
C GLU D 81 -9.41 14.67 -18.74
N SER D 82 -10.69 14.37 -18.93
CA SER D 82 -11.70 15.35 -19.42
C SER D 82 -11.89 16.48 -18.39
N GLU D 83 -12.19 16.15 -17.13
CA GLU D 83 -12.54 17.15 -16.08
C GLU D 83 -11.28 17.91 -15.67
N GLY D 84 -10.14 17.21 -15.59
CA GLY D 84 -8.82 17.80 -15.34
C GLY D 84 -8.45 18.84 -16.39
N ASP D 85 -8.68 18.54 -17.67
CA ASP D 85 -8.31 19.49 -18.76
C ASP D 85 -9.04 20.81 -18.53
N ARG D 86 -10.33 20.76 -18.16
CA ARG D 86 -11.17 21.98 -17.89
C ARG D 86 -10.56 22.76 -16.72
N GLU D 87 -10.21 22.08 -15.63
CA GLU D 87 -9.70 22.75 -14.40
C GLU D 87 -8.32 23.36 -14.67
N LEU D 88 -7.49 22.73 -15.51
CA LEU D 88 -6.15 23.25 -15.86
C LEU D 88 -6.31 24.54 -16.66
N ALA D 89 -7.23 24.52 -17.64
CA ALA D 89 -7.61 25.71 -18.41
C ALA D 89 -8.04 26.85 -17.46
N ALA D 90 -8.91 26.54 -16.50
CA ALA D 90 -9.53 27.50 -15.57
C ALA D 90 -8.45 28.13 -14.67
N ALA D 91 -7.54 27.31 -14.13
CA ALA D 91 -6.45 27.79 -13.25
C ALA D 91 -5.64 28.85 -14.00
N TYR D 92 -5.24 28.55 -15.24
CA TYR D 92 -4.46 29.53 -16.04
C TYR D 92 -5.28 30.81 -16.33
N ARG D 93 -6.55 30.67 -16.70
CA ARG D 93 -7.47 31.82 -16.94
C ARG D 93 -7.52 32.72 -15.68
N GLU D 94 -7.63 32.12 -14.50
CA GLU D 94 -7.69 32.85 -13.21
C GLU D 94 -6.34 33.51 -12.92
N VAL D 95 -5.20 32.90 -13.28
CA VAL D 95 -3.84 33.52 -13.18
C VAL D 95 -3.82 34.78 -14.04
N ALA D 96 -4.25 34.67 -15.29
CA ALA D 96 -4.18 35.81 -16.24
C ALA D 96 -5.00 37.00 -15.72
N LYS D 97 -6.18 36.74 -15.15
CA LYS D 97 -7.07 37.80 -14.60
C LYS D 97 -6.36 38.53 -13.44
N GLU D 98 -5.66 37.77 -12.59
CA GLU D 98 -4.88 38.34 -11.45
C GLU D 98 -3.69 39.17 -11.98
N VAL D 99 -2.95 38.68 -12.96
CA VAL D 99 -1.82 39.40 -13.57
C VAL D 99 -2.31 40.76 -14.11
N THR D 100 -3.43 40.79 -14.86
CA THR D 100 -4.05 42.03 -15.37
C THR D 100 -4.47 42.91 -14.20
N ARG D 101 -5.12 42.34 -13.18
CA ARG D 101 -5.71 43.14 -12.09
C ARG D 101 -4.58 43.80 -11.29
N LEU D 102 -3.43 43.13 -11.18
CA LEU D 102 -2.27 43.60 -10.37
C LEU D 102 -1.53 44.70 -11.13
N GLY D 103 -1.70 44.77 -12.45
CA GLY D 103 -1.02 45.74 -13.34
C GLY D 103 0.50 45.55 -13.38
N VAL D 104 1.00 44.37 -13.04
CA VAL D 104 2.45 44.04 -13.16
C VAL D 104 2.92 44.06 -14.61
N ASN D 105 4.21 44.32 -14.76
CA ASN D 105 4.94 44.33 -16.04
C ASN D 105 5.46 42.95 -16.41
N SER D 106 5.58 42.05 -15.43
CA SER D 106 6.24 40.74 -15.61
C SER D 106 5.74 39.73 -14.56
N VAL D 107 5.79 38.45 -14.91
CA VAL D 107 5.30 37.33 -14.05
C VAL D 107 6.16 36.10 -14.31
N ALA D 108 6.54 35.43 -13.22
CA ALA D 108 7.24 34.12 -13.19
C ALA D 108 6.19 33.03 -13.01
N ILE D 109 6.16 32.04 -13.91
N ILE D 109 6.09 32.08 -13.96
CA ILE D 109 5.07 31.02 -13.94
CA ILE D 109 5.06 31.01 -13.97
C ILE D 109 5.68 29.65 -14.18
C ILE D 109 5.72 29.65 -14.15
N PRO D 110 5.30 28.63 -13.35
CA PRO D 110 5.67 27.24 -13.59
C PRO D 110 4.61 26.56 -14.46
N LEU D 111 4.91 25.37 -14.96
CA LEU D 111 3.92 24.56 -15.72
C LEU D 111 3.04 23.80 -14.72
N LEU D 112 1.83 24.29 -14.52
CA LEU D 112 0.87 23.73 -13.54
C LEU D 112 0.56 22.29 -13.96
N SER D 113 0.40 21.41 -12.97
CA SER D 113 -0.05 19.99 -13.14
C SER D 113 0.99 19.12 -13.87
N THR D 114 2.28 19.47 -13.86
CA THR D 114 3.32 18.71 -14.62
C THR D 114 4.35 17.94 -13.78
N GLY D 115 4.26 18.00 -12.48
CA GLY D 115 5.12 17.18 -11.60
C GLY D 115 4.30 16.22 -10.79
N VAL D 116 4.26 16.38 -9.47
CA VAL D 116 3.49 15.47 -8.58
C VAL D 116 1.99 15.55 -8.90
N TYR D 117 1.49 16.53 -9.67
CA TYR D 117 0.05 16.54 -10.07
C TYR D 117 -0.13 15.94 -11.48
N SER D 118 0.87 15.28 -12.08
CA SER D 118 0.81 14.85 -13.49
C SER D 118 0.10 13.50 -13.65
N GLY D 119 -0.18 12.78 -12.56
CA GLY D 119 -0.73 11.43 -12.67
C GLY D 119 0.26 10.55 -13.42
N GLY D 120 1.54 10.91 -13.38
CA GLY D 120 2.63 10.10 -13.99
C GLY D 120 2.72 10.23 -15.50
N LYS D 121 2.06 11.21 -16.10
CA LYS D 121 2.10 11.44 -17.56
C LYS D 121 2.90 12.71 -17.84
N ASP D 122 3.51 12.78 -19.04
CA ASP D 122 4.19 13.98 -19.57
C ASP D 122 3.13 14.95 -20.07
N ARG D 123 3.00 16.10 -19.41
CA ARG D 123 1.98 17.15 -19.68
C ARG D 123 2.63 18.46 -20.07
N LEU D 124 3.89 18.45 -20.51
CA LEU D 124 4.55 19.68 -20.99
C LEU D 124 3.67 20.39 -22.01
N THR D 125 3.30 19.72 -23.11
CA THR D 125 2.58 20.35 -24.25
C THR D 125 1.19 20.83 -23.77
N GLN D 126 0.48 20.02 -23.01
CA GLN D 126 -0.89 20.29 -22.53
C GLN D 126 -0.81 21.53 -21.62
N SER D 127 0.13 21.52 -20.70
CA SER D 127 0.20 22.63 -19.70
C SER D 127 0.59 23.94 -20.41
N LEU D 128 1.63 23.87 -21.24
CA LEU D 128 2.10 25.03 -22.01
C LEU D 128 1.01 25.55 -22.93
N ASN D 129 0.20 24.68 -23.56
CA ASN D 129 -0.87 25.16 -24.47
C ASN D 129 -1.90 25.97 -23.70
N HIS D 130 -2.35 25.53 -22.52
CA HIS D 130 -3.31 26.29 -21.69
C HIS D 130 -2.70 27.62 -21.20
N LEU D 131 -1.41 27.59 -20.85
CA LEU D 131 -0.64 28.78 -20.40
C LEU D 131 -0.70 29.85 -21.50
N PHE D 132 -0.33 29.50 -22.73
CA PHE D 132 -0.32 30.44 -23.89
C PHE D 132 -1.74 31.00 -24.07
N THR D 133 -2.76 30.16 -24.12
CA THR D 133 -4.16 30.58 -24.36
C THR D 133 -4.57 31.65 -23.35
N ALA D 134 -4.27 31.43 -22.07
CA ALA D 134 -4.71 32.34 -20.98
C ALA D 134 -3.89 33.62 -21.02
N MET D 135 -2.56 33.50 -21.07
CA MET D 135 -1.62 34.62 -20.86
C MET D 135 -1.56 35.49 -22.12
N ASP D 136 -1.95 34.95 -23.29
CA ASP D 136 -2.03 35.76 -24.54
C ASP D 136 -2.99 36.95 -24.33
N SER D 137 -3.92 36.90 -23.37
CA SER D 137 -4.87 38.01 -23.09
C SER D 137 -4.21 39.09 -22.23
N THR D 138 -3.01 38.88 -21.69
CA THR D 138 -2.28 39.90 -20.86
C THR D 138 -1.31 40.70 -21.75
N ASP D 139 -0.68 41.76 -21.23
CA ASP D 139 0.40 42.43 -22.01
C ASP D 139 1.70 42.34 -21.21
N ALA D 140 1.78 41.37 -20.31
CA ALA D 140 2.93 41.18 -19.40
C ALA D 140 4.02 40.36 -20.07
N ASP D 141 5.27 40.59 -19.64
CA ASP D 141 6.41 39.70 -19.94
C ASP D 141 6.22 38.43 -19.12
N VAL D 142 6.13 37.28 -19.78
CA VAL D 142 5.95 35.98 -19.11
C VAL D 142 7.25 35.23 -19.13
N VAL D 143 7.69 34.79 -17.97
CA VAL D 143 8.92 34.00 -17.85
C VAL D 143 8.51 32.67 -17.23
N ILE D 144 8.65 31.60 -18.02
CA ILE D 144 8.32 30.19 -17.63
C ILE D 144 9.57 29.57 -17.01
N TYR D 145 9.40 28.96 -15.84
CA TYR D 145 10.50 28.34 -15.04
C TYR D 145 10.34 26.81 -15.10
N CYS D 146 11.43 26.10 -15.39
CA CYS D 146 11.50 24.61 -15.40
C CYS D 146 12.83 24.18 -14.78
N ARG D 147 13.02 22.88 -14.54
CA ARG D 147 14.25 22.35 -13.90
C ARG D 147 15.03 21.45 -14.85
N ASP D 148 14.38 20.91 -15.90
CA ASP D 148 14.97 19.88 -16.80
C ASP D 148 15.39 20.49 -18.15
N LYS D 149 16.58 20.12 -18.64
CA LYS D 149 17.21 20.71 -19.86
C LYS D 149 16.39 20.35 -21.10
N GLU D 150 15.85 19.13 -21.16
CA GLU D 150 15.05 18.68 -22.33
C GLU D 150 13.73 19.46 -22.32
N TRP D 151 13.12 19.62 -21.13
CA TRP D 151 11.90 20.47 -20.98
C TRP D 151 12.24 21.92 -21.38
N GLU D 152 13.35 22.46 -20.88
CA GLU D 152 13.82 23.84 -21.22
C GLU D 152 13.87 24.00 -22.74
N LYS D 153 14.52 23.06 -23.43
CA LYS D 153 14.68 23.07 -24.92
C LYS D 153 13.30 22.97 -25.58
N LYS D 154 12.48 22.00 -25.17
CA LYS D 154 11.10 21.78 -25.69
C LYS D 154 10.27 23.06 -25.52
N ILE D 155 10.31 23.68 -24.34
CA ILE D 155 9.52 24.92 -24.08
C ILE D 155 10.04 26.03 -25.00
N SER D 156 11.37 26.18 -25.07
CA SER D 156 12.04 27.18 -25.94
C SER D 156 11.59 27.00 -27.39
N GLU D 157 11.62 25.76 -27.86
CA GLU D 157 11.14 25.37 -29.22
C GLU D 157 9.69 25.82 -29.36
N ALA D 158 8.80 25.43 -28.43
CA ALA D 158 7.38 25.84 -28.44
C ALA D 158 7.24 27.36 -28.56
N ILE D 159 8.05 28.14 -27.82
CA ILE D 159 7.99 29.63 -27.88
C ILE D 159 8.38 30.09 -29.29
N GLN D 160 9.50 29.60 -29.81
CA GLN D 160 10.00 29.99 -31.16
C GLN D 160 8.95 29.66 -32.20
N MET D 161 8.29 28.49 -32.09
CA MET D 161 7.39 27.97 -33.16
C MET D 161 6.11 28.84 -33.30
N ARG D 162 5.79 29.73 -32.36
CA ARG D 162 4.51 30.51 -32.35
C ARG D 162 4.64 31.84 -33.08
N THR D 163 5.85 32.38 -33.19
CA THR D 163 6.09 33.81 -33.46
C THR D 163 5.89 34.10 -34.96
S DMS E . 4.96 -4.88 -5.66
O DMS E . 5.31 -3.61 -4.84
C1 DMS E . 6.04 -6.12 -5.22
C2 DMS E . 5.64 -4.63 -7.31
S DMS F . 25.16 -6.54 -3.13
O DMS F . 23.79 -7.10 -3.47
C1 DMS F . 24.80 -4.88 -2.54
C2 DMS F . 25.76 -6.07 -4.74
C TRS G . 32.98 4.49 7.73
C1 TRS G . 32.20 3.75 8.81
C2 TRS G . 32.14 5.54 7.00
C3 TRS G . 34.21 5.13 8.38
N TRS G . 33.41 3.50 6.67
O1 TRS G . 32.98 2.74 9.47
O2 TRS G . 31.64 6.56 7.86
O3 TRS G . 35.19 5.50 7.42
S DMS H . 13.28 8.13 8.88
O DMS H . 13.39 6.92 9.78
C1 DMS H . 13.42 7.55 7.23
C2 DMS H . 14.85 8.99 8.96
S DMS I . 14.87 -20.96 13.94
O DMS I . 13.60 -20.21 14.10
C1 DMS I . 14.38 -22.63 13.40
C2 DMS I . 15.52 -21.32 15.57
CL CL J . 9.99 -17.38 -1.04
N1 ONQ K . 24.56 -17.43 -1.06
C4 ONQ K . 28.78 -17.89 0.26
C5 ONQ K . 29.57 -16.99 -0.44
C6 ONQ K . 30.83 -17.35 -0.90
C7 ONQ K . 27.43 -17.49 0.76
C8 ONQ K . 25.14 -18.15 1.18
O2 ONQ K . 27.23 -16.36 1.16
N ONQ K . 26.49 -18.44 0.75
C9 ONQ K . 24.34 -17.27 0.24
O1 ONQ K . 23.53 -16.47 0.71
C3 ONQ K . 29.29 -19.17 0.50
C2 ONQ K . 30.55 -19.53 0.06
C1 ONQ K . 31.31 -18.61 -0.64
O ONQ K . 32.58 -18.93 -1.07
C ONQ K . 33.07 -20.22 -0.75
N1 ONQ L . 16.88 -23.87 -2.90
C4 ONQ L . 16.40 -19.50 -1.60
C5 ONQ L . 16.51 -18.80 -2.80
C6 ONQ L . 15.87 -17.58 -2.96
C7 ONQ L . 17.13 -20.80 -1.42
C8 ONQ L . 18.70 -22.38 -2.37
O2 ONQ L . 17.11 -21.39 -0.35
N ONQ L . 17.82 -21.24 -2.48
C9 ONQ L . 18.01 -23.71 -2.24
O1 ONQ L . 18.50 -24.59 -1.52
C3 ONQ L . 15.64 -18.96 -0.57
C2 ONQ L . 15.01 -17.75 -0.73
C1 ONQ L . 15.13 -17.05 -1.92
O ONQ L . 14.53 -15.83 -2.09
C ONQ L . 14.02 -15.52 -3.37
S DMS M . 12.08 -21.75 0.13
O DMS M . 13.13 -20.86 -0.50
C1 DMS M . 10.60 -20.73 0.33
C2 DMS M . 11.45 -22.78 -1.18
S DMS N . 3.31 3.86 -0.95
O DMS N . 3.45 2.39 -0.70
C1 DMS N . 2.78 4.02 -2.65
C2 DMS N . 4.95 4.49 -1.16
CL CL O . -13.58 -20.61 -10.09
N1 ONQ P . -11.26 -22.75 -10.72
C4 ONQ P . -13.07 -25.37 -15.23
C5 ONQ P . -12.21 -26.32 -15.79
C6 ONQ P . -12.52 -26.93 -16.99
C7 ONQ P . -12.74 -24.74 -13.92
C8 ONQ P . -12.92 -22.80 -12.49
O2 ONQ P . -12.20 -25.39 -13.03
N ONQ P . -13.04 -23.45 -13.78
C9 ONQ P . -11.50 -22.62 -12.01
O1 ONQ P . -10.61 -22.35 -12.84
C3 ONQ P . -14.23 -25.04 -15.92
C2 ONQ P . -14.53 -25.65 -17.12
C1 ONQ P . -13.68 -26.59 -17.66
O ONQ P . -13.98 -27.18 -18.85
C ONQ P . -15.17 -26.77 -19.51
S DMS Q . -1.79 -26.65 -8.12
O DMS Q . -0.43 -27.21 -7.78
C1 DMS Q . -2.96 -27.94 -7.79
C2 DMS Q . -1.89 -26.67 -9.87
S DMS R . -7.68 -24.86 -7.52
O DMS R . -8.32 -26.21 -7.46
C1 DMS R . -8.39 -24.02 -8.92
C2 DMS R . -6.04 -25.09 -8.16
N1 ONQ S . -11.67 2.23 15.83
C4 ONQ S . -7.09 0.73 18.58
C5 ONQ S . -6.60 -0.55 18.43
C6 ONQ S . -5.58 -1.03 19.23
C7 ONQ S . -8.20 1.25 17.73
C8 ONQ S . -10.06 2.80 17.55
O2 ONQ S . -8.30 0.93 16.55
N ONQ S . -9.07 2.09 18.32
C9 ONQ S . -11.19 1.94 17.01
O1 ONQ S . -11.62 1.01 17.71
C3 ONQ S . -6.52 1.55 19.56
C2 ONQ S . -5.50 1.09 20.36
C1 ONQ S . -5.03 -0.20 20.20
O ONQ S . -4.04 -0.64 21.02
C ONQ S . -3.57 -1.98 20.84
CL CL T . -11.72 5.74 17.52
CL CL U . -9.91 -8.77 -2.89
S DMS V . -32.37 3.95 9.17
O DMS V . -32.05 3.70 7.69
C1 DMS V . -30.88 4.46 9.93
C2 DMS V . -32.44 2.31 9.88
N1 K34 W . -14.91 -1.46 10.66
N3 K34 W . -13.22 -1.27 9.24
C4 K34 W . -13.90 -2.38 8.92
N K34 W . -14.01 1.03 12.00
C K34 W . -13.39 2.20 12.35
C1 K34 W . -12.38 2.61 11.57
C2 K34 W . -13.44 0.54 10.92
C3 K34 W . -13.86 -0.72 10.31
N2 K34 W . -14.96 -2.52 9.78
S K34 W . -12.14 1.50 10.30
S DMS X . 5.10 21.43 -10.87
O DMS X . 5.29 21.50 -9.37
C1 DMS X . 6.31 22.51 -11.63
C2 DMS X . 3.65 22.40 -11.17
S DMS Y . 14.50 33.19 2.75
O DMS Y . 14.46 32.49 1.40
C1 DMS Y . 14.43 31.92 4.00
C2 DMS Y . 12.89 33.94 3.09
S DMS Z . 2.18 20.08 -5.20
O DMS Z . 2.04 20.82 -3.86
C1 DMS Z . 3.88 20.08 -5.69
C2 DMS Z . 1.52 21.08 -6.53
S DMS AA . -4.70 41.27 -2.91
O DMS AA . -3.76 41.26 -4.08
C1 DMS AA . -3.78 40.59 -1.57
C2 DMS AA . -5.85 39.93 -3.17
CL CL BA . 10.85 20.63 -15.40
CL CL CA . 2.55 19.79 -10.14
#